data_9DVT
#
_entry.id   9DVT
#
_cell.length_a   1.00
_cell.length_b   1.00
_cell.length_c   1.00
_cell.angle_alpha   90.00
_cell.angle_beta   90.00
_cell.angle_gamma   90.00
#
_symmetry.space_group_name_H-M   'P 1'
#
loop_
_entity.id
_entity.type
_entity.pdbx_description
1 polymer 'Non-template DNA'
2 polymer 'Template DNA'
3 polymer 'DNA-directed RNA polymerase subunit alpha'
4 polymer 'DNA-binding dual master transcriptional regulator RpaA'
5 polymer 'RNA polymerase sigma factor SigA1'
#
loop_
_entity_poly.entity_id
_entity_poly.type
_entity_poly.pdbx_seq_one_letter_code
_entity_poly.pdbx_strand_id
1 'polydeoxyribonucleotide'
;(DC)(DT)(DG)(DA)(DA)(DA)(DA)(DC)(DC)(DT)(DG)(DA)(DA)(DA)(DA)(DG)(DG)(DT)(DA)(DA)
(DA)(DG)(DG)(DA)(DG)(DG)(DT)(DC)(DT)(DT)(DA)(DA)(DG)(DC)(DT)(DC)(DG)(DG)(DC)(DT)
(DC)(DA)(DA)(DT)(DT)(DT)(DC)(DT)(DC)(DT)(DC)(DT)(DT)(DT)(DA)(DT)(DC)(DC)(DT)(DG)
(DT)(DT)(DA)(DG)(DA)(DT)(DG)(DG)(DT)(DT)(DT)(DG)(DA)(DT)(DT)(DG)(DC)(DT)(DG)(DT)
(DT)(DG)(DC)(DT)(DA)(DC)(DC)(DC)(DC)(DG)(DT)(DT)(DG)(DA)(DT)(DC)(DT)(DG)(DC)(DG)
(DT)(DA)(DT)(DG)(DA)
;
1
2 'polydeoxyribonucleotide'
;(DT)(DC)(DA)(DT)(DA)(DC)(DG)(DC)(DA)(DG)(DA)(DT)(DC)(DA)(DA)(DC)(DG)(DG)(DG)(DG)
(DT)(DA)(DG)(DC)(DA)(DA)(DC)(DA)(DG)(DC)(DA)(DA)(DT)(DC)(DA)(DA)(DA)(DC)(DC)(DA)
(DT)(DC)(DT)(DA)(DA)(DC)(DA)(DG)(DG)(DA)(DT)(DA)(DA)(DA)(DG)(DA)(DG)(DA)(DG)(DA)
(DA)(DA)(DT)(DT)(DG)(DA)(DG)(DC)(DC)(DG)(DA)(DG)(DC)(DT)(DT)(DA)(DA)(DG)(DA)(DC)
(DC)(DT)(DC)(DC)(DT)(DT)(DT)(DA)(DC)(DC)(DT)(DT)(DT)(DT)(DC)(DA)(DG)(DG)(DT)(DT)
(DT)(DT)(DC)(DA)(DG)
;
2
3 'polypeptide(L)'
;MTFQVECVESRTEADQGQYGRFSIEPLARGQGTTVGNALRRVLLSNLEGTAVTAVRIGGVNHEFATIPGVREDVLDILLN
VRELVVHAHSPQPQIGRLRVVGPATVTAADVDFGPEVEVINPNHYIASLSEGATLEMELKVEWGTGYRAIDRSHDETTAL
DFLQLDAVFMPVRRVNYSVEDARVGESTAIDRLVLEVWTNGSLSPQEALSQAASCLVALFEPLKNVSVGSTHTADPEPTP
ESQTPIEDLQLSVRAYNCLKRAQVNSVADLLSYTYEDLLEIKNFGQKSAEEVVEALERIGIKLQESKVS
;
A
4 'polypeptide(L)'
;MKPRILVIDDDSAILELVAVNLEMSGYDVRKAEDGIKGQALAVQLVPDLIML(PHD)LMLPRVDGFTVCQRLRRDERTAE
IPVLMLTALGQTQDKVEGFNAGADDYLTKPFEVEEMLARVRALLQRTDRIPHAARHSEILSYGPLTLIPERFEAIWFNRT
VKLTHLEFELLHCLLQRHGQTVAPSEILKEVWGYDPDDDIETIRVHIRHLRTKLEPDPRHPRYIKTVYGAGYCLELPAET
ELHQHADQFPSAS
;
R,S
5 'polypeptide(L)'
;MTQLISIDKEQEEAGMTQATELLDPALKPAETKAKRSSRKKATTAVVEPATTIAPTADVDAIDDEDSVGEDEDAAAKAKA
KVRKTYTEDSIRLYLQEIGRIRLLRADEEIELARQIADLLALERIRDELLEQLDRLPSDAEWAAAVDSPLDEFRRRLFRG
RRAKDKMVQSNLRLVVSIAKKYMNRGLSFQDLIQEGSLGLIRAAEKFDHEKGYKFSTYATWWIRQAITRAIADQSRTIRL
PVHLYETISRIKKTTKLLSQEMGRKPTEEEIATRMEMTIEKLRFIAKSAQLPISLETPIGKEEDSRLGDFIEADGETPED
EVAKNLLREDLEGVLSTLSPRERDVLRLRYGLDDGRMKTLEEIGQLFNVTRERIRQIEAKALRKLRHPNRNSILKEYIR
;
G
#
loop_
_chem_comp.id
_chem_comp.type
_chem_comp.name
_chem_comp.formula
DA DNA linking 2'-DEOXYADENOSINE-5'-MONOPHOSPHATE 'C10 H14 N5 O6 P'
DC DNA linking 2'-DEOXYCYTIDINE-5'-MONOPHOSPHATE 'C9 H14 N3 O7 P'
DG DNA linking 2'-DEOXYGUANOSINE-5'-MONOPHOSPHATE 'C10 H14 N5 O7 P'
DT DNA linking THYMIDINE-5'-MONOPHOSPHATE 'C10 H15 N2 O8 P'
#
# COMPACT_ATOMS: atom_id res chain seq x y z
N THR C 239 23.36 31.31 42.76
CA THR C 239 23.59 31.10 44.19
C THR C 239 24.31 29.74 44.29
N PRO C 240 24.95 29.42 45.41
CA PRO C 240 25.62 28.10 45.50
C PRO C 240 24.67 26.92 45.36
N GLU C 241 23.40 27.10 45.68
CA GLU C 241 22.43 26.02 45.53
C GLU C 241 22.06 25.77 44.07
N SER C 242 22.13 26.80 43.22
CA SER C 242 21.79 26.63 41.81
C SER C 242 22.90 25.97 41.01
N GLN C 243 24.14 25.96 41.52
CA GLN C 243 25.22 25.23 40.89
C GLN C 243 25.28 23.77 41.33
N THR C 244 24.38 23.34 42.21
CA THR C 244 24.37 21.97 42.69
C THR C 244 24.06 21.01 41.54
N PRO C 245 24.86 19.97 41.34
CA PRO C 245 24.50 18.96 40.34
C PRO C 245 23.24 18.22 40.77
N ILE C 246 22.47 17.79 39.77
CA ILE C 246 21.22 17.08 40.03
C ILE C 246 21.42 15.77 40.77
N GLU C 247 22.65 15.27 40.85
CA GLU C 247 22.89 14.04 41.59
C GLU C 247 22.60 14.23 43.07
N ASP C 248 22.78 15.44 43.57
CA ASP C 248 22.52 15.74 44.97
C ASP C 248 21.04 15.99 45.24
N LEU C 249 20.20 16.07 44.20
CA LEU C 249 18.78 16.26 44.43
C LEU C 249 18.10 15.05 45.08
N GLN C 250 18.79 13.91 45.17
CA GLN C 250 18.23 12.69 45.74
C GLN C 250 16.92 12.31 45.07
N LEU C 251 16.85 12.51 43.75
CA LEU C 251 15.69 12.13 42.98
C LEU C 251 15.59 10.61 42.87
N SER C 252 14.39 10.12 42.57
CA SER C 252 14.23 8.71 42.27
C SER C 252 15.07 8.35 41.06
N VAL C 253 15.56 7.10 41.04
CA VAL C 253 16.37 6.63 39.93
C VAL C 253 15.65 6.79 38.59
N ARG C 254 14.32 6.66 38.59
CA ARG C 254 13.58 6.84 37.35
C ARG C 254 13.55 8.31 36.94
N ALA C 255 13.17 9.19 37.86
CA ALA C 255 13.13 10.62 37.56
C ALA C 255 14.52 11.13 37.21
N TYR C 256 15.51 10.74 38.01
CA TYR C 256 16.90 11.12 37.75
C TYR C 256 17.33 10.68 36.35
N ASN C 257 17.06 9.42 35.99
CA ASN C 257 17.50 8.95 34.69
C ASN C 257 16.75 9.62 33.55
N CYS C 258 15.48 10.02 33.78
CA CYS C 258 14.76 10.72 32.73
C CYS C 258 15.27 12.13 32.54
N LEU C 259 15.52 12.85 33.64
CA LEU C 259 16.12 14.19 33.53
C LEU C 259 17.49 14.13 32.87
N LYS C 260 18.34 13.19 33.30
CA LYS C 260 19.66 13.05 32.70
C LYS C 260 19.57 12.66 31.24
N ARG C 261 18.54 11.91 30.86
CA ARG C 261 18.31 11.61 29.46
C ARG C 261 17.90 12.85 28.69
N ALA C 262 17.21 13.79 29.34
CA ALA C 262 16.84 15.06 28.75
C ALA C 262 17.98 16.08 28.71
N GLN C 263 19.22 15.66 29.00
CA GLN C 263 20.38 16.54 29.00
C GLN C 263 20.30 17.64 30.06
N VAL C 264 19.48 17.46 31.09
CA VAL C 264 19.40 18.41 32.20
C VAL C 264 20.47 18.03 33.21
N ASN C 265 21.51 18.88 33.33
CA ASN C 265 22.66 18.59 34.16
C ASN C 265 22.81 19.50 35.37
N SER C 266 22.19 20.67 35.37
CA SER C 266 22.30 21.60 36.48
C SER C 266 20.92 22.02 36.97
N VAL C 267 20.88 22.56 38.19
CA VAL C 267 19.66 23.15 38.73
C VAL C 267 19.19 24.30 37.85
N ALA C 268 20.13 25.07 37.28
CA ALA C 268 19.76 26.12 36.34
C ALA C 268 19.01 25.56 35.14
N ASP C 269 19.49 24.45 34.59
CA ASP C 269 18.79 23.80 33.49
C ASP C 269 17.37 23.41 33.89
N LEU C 270 17.20 22.88 35.09
CA LEU C 270 15.87 22.45 35.51
C LEU C 270 14.97 23.66 35.74
N LEU C 271 15.54 24.75 36.26
CA LEU C 271 14.81 26.00 36.41
C LEU C 271 14.45 26.62 35.07
N SER C 272 15.12 26.21 33.99
CA SER C 272 14.77 26.67 32.67
C SER C 272 13.53 25.97 32.11
N TYR C 273 13.06 24.91 32.77
CA TYR C 273 11.86 24.21 32.36
C TYR C 273 10.69 24.63 33.25
N THR C 274 9.51 24.77 32.64
CA THR C 274 8.29 24.96 33.40
C THR C 274 7.71 23.61 33.81
N TYR C 275 6.72 23.66 34.71
CA TYR C 275 6.01 22.45 35.13
C TYR C 275 5.41 21.72 33.93
N GLU C 276 4.92 22.47 32.95
CA GLU C 276 4.43 21.85 31.72
C GLU C 276 5.57 21.21 30.94
N ASP C 277 6.69 21.92 30.80
CA ASP C 277 7.84 21.35 30.12
C ASP C 277 8.36 20.12 30.86
N LEU C 278 8.27 20.12 32.20
CA LEU C 278 8.63 18.94 32.96
C LEU C 278 7.69 17.79 32.66
N LEU C 279 6.40 18.08 32.52
CA LEU C 279 5.43 17.04 32.18
C LEU C 279 5.59 16.54 30.75
N GLU C 280 6.18 17.35 29.87
CA GLU C 280 6.47 16.90 28.51
C GLU C 280 7.66 15.97 28.42
N ILE C 281 8.49 15.90 29.46
CA ILE C 281 9.63 15.00 29.45
C ILE C 281 9.15 13.56 29.37
N LYS C 282 9.72 12.81 28.43
CA LYS C 282 9.26 11.45 28.14
C LYS C 282 9.34 10.56 29.38
N ASN C 283 8.19 10.00 29.76
CA ASN C 283 7.99 9.17 30.93
C ASN C 283 8.12 9.93 32.24
N PHE C 284 8.23 11.25 32.21
CA PHE C 284 8.11 12.06 33.42
C PHE C 284 6.63 12.28 33.73
N GLY C 285 6.21 11.85 34.92
CA GLY C 285 4.84 11.96 35.35
C GLY C 285 4.63 13.04 36.41
N GLN C 286 3.36 13.36 36.63
CA GLN C 286 2.97 14.33 37.64
C GLN C 286 3.61 14.04 39.00
N LYS C 287 3.58 12.78 39.44
CA LYS C 287 4.20 12.43 40.72
C LYS C 287 5.70 12.72 40.72
N SER C 288 6.37 12.55 39.57
CA SER C 288 7.80 12.85 39.54
C SER C 288 8.05 14.35 39.55
N ALA C 289 7.16 15.12 38.94
CA ALA C 289 7.26 16.58 39.03
C ALA C 289 7.04 17.04 40.46
N GLU C 290 6.06 16.47 41.15
CA GLU C 290 5.87 16.75 42.57
C GLU C 290 7.11 16.40 43.39
N GLU C 291 7.73 15.25 43.10
CA GLU C 291 8.97 14.90 43.78
C GLU C 291 10.06 15.93 43.54
N VAL C 292 10.15 16.45 42.31
CA VAL C 292 11.17 17.45 42.01
C VAL C 292 10.87 18.76 42.73
N VAL C 293 9.59 19.14 42.80
CA VAL C 293 9.19 20.34 43.54
C VAL C 293 9.54 20.19 45.01
N GLU C 294 9.24 19.03 45.59
CA GLU C 294 9.59 18.78 46.99
C GLU C 294 11.10 18.85 47.21
N ALA C 295 11.89 18.34 46.25
CA ALA C 295 13.34 18.40 46.39
C ALA C 295 13.83 19.84 46.32
N LEU C 296 13.26 20.63 45.42
CA LEU C 296 13.63 22.04 45.32
C LEU C 296 13.27 22.79 46.60
N GLU C 297 12.09 22.48 47.17
CA GLU C 297 11.74 23.06 48.45
C GLU C 297 12.70 22.61 49.54
N ARG C 298 13.21 21.38 49.43
CA ARG C 298 14.22 20.90 50.37
C ARG C 298 15.51 21.71 50.26
N ILE C 299 15.81 22.23 49.06
CA ILE C 299 16.95 23.14 48.91
C ILE C 299 16.50 24.59 48.83
N GLY C 300 15.25 24.87 49.18
CA GLY C 300 14.76 26.23 49.26
C GLY C 300 14.47 26.86 47.91
N MET D 1 22.73 -7.54 -13.51
CA MET D 1 22.30 -8.62 -12.62
C MET D 1 21.19 -9.44 -13.27
N LYS D 2 20.98 -10.64 -12.74
CA LYS D 2 19.84 -11.44 -13.16
C LYS D 2 18.54 -10.81 -12.63
N PRO D 3 17.53 -10.63 -13.46
CA PRO D 3 16.24 -10.14 -12.97
C PRO D 3 15.65 -11.05 -11.91
N ARG D 4 15.13 -10.43 -10.86
CA ARG D 4 14.52 -11.16 -9.75
C ARG D 4 13.01 -11.23 -9.96
N ILE D 5 12.47 -12.45 -9.94
CA ILE D 5 11.03 -12.66 -10.08
C ILE D 5 10.51 -13.33 -8.80
N LEU D 6 9.49 -12.73 -8.21
CA LEU D 6 8.79 -13.32 -7.07
C LEU D 6 7.50 -13.97 -7.54
N VAL D 7 7.39 -15.28 -7.35
CA VAL D 7 6.18 -16.04 -7.66
C VAL D 7 5.44 -16.33 -6.36
N ILE D 8 4.16 -15.95 -6.29
CA ILE D 8 3.34 -16.13 -5.12
C ILE D 8 2.13 -16.97 -5.54
N ASP D 9 2.08 -18.23 -5.10
CA ASP D 9 1.00 -19.12 -5.48
C ASP D 9 0.92 -20.24 -4.44
N ASP D 10 -0.30 -20.55 -4.00
CA ASP D 10 -0.51 -21.63 -3.04
C ASP D 10 -0.53 -23.00 -3.70
N ASP D 11 -0.69 -23.08 -5.01
CA ASP D 11 -0.58 -24.34 -5.74
C ASP D 11 0.90 -24.65 -5.92
N SER D 12 1.42 -25.56 -5.11
CA SER D 12 2.82 -25.96 -5.22
C SER D 12 3.18 -26.48 -6.60
N ALA D 13 2.23 -27.10 -7.31
CA ALA D 13 2.55 -27.62 -8.64
C ALA D 13 2.68 -26.51 -9.66
N ILE D 14 1.76 -25.54 -9.64
CA ILE D 14 1.88 -24.38 -10.52
C ILE D 14 3.11 -23.57 -10.16
N LEU D 15 3.30 -23.33 -8.86
CA LEU D 15 4.48 -22.60 -8.40
C LEU D 15 5.77 -23.26 -8.87
N GLU D 16 5.85 -24.59 -8.79
CA GLU D 16 7.05 -25.29 -9.22
C GLU D 16 7.23 -25.23 -10.73
N LEU D 17 6.15 -25.44 -11.49
CA LEU D 17 6.24 -25.34 -12.95
C LEU D 17 6.75 -23.97 -13.36
N VAL D 18 6.16 -22.91 -12.79
CA VAL D 18 6.58 -21.55 -13.12
C VAL D 18 8.03 -21.32 -12.75
N ALA D 19 8.41 -21.74 -11.54
CA ALA D 19 9.79 -21.52 -11.08
C ALA D 19 10.79 -22.22 -11.99
N VAL D 20 10.52 -23.48 -12.34
CA VAL D 20 11.41 -24.22 -13.23
C VAL D 20 11.52 -23.53 -14.58
N ASN D 21 10.39 -23.11 -15.14
CA ASN D 21 10.42 -22.49 -16.46
C ASN D 21 11.14 -21.15 -16.45
N LEU D 22 10.98 -20.38 -15.36
CA LEU D 22 11.71 -19.12 -15.26
C LEU D 22 13.21 -19.35 -15.07
N GLU D 23 13.58 -20.33 -14.24
CA GLU D 23 14.99 -20.64 -14.05
C GLU D 23 15.64 -21.09 -15.34
N MET D 24 14.94 -21.91 -16.13
CA MET D 24 15.45 -22.28 -17.44
C MET D 24 15.67 -21.05 -18.33
N SER D 25 14.87 -20.00 -18.14
CA SER D 25 15.07 -18.75 -18.86
C SER D 25 16.14 -17.86 -18.22
N GLY D 26 16.73 -18.27 -17.11
CA GLY D 26 17.86 -17.57 -16.54
C GLY D 26 17.55 -16.56 -15.46
N TYR D 27 16.32 -16.52 -14.96
CA TYR D 27 15.95 -15.58 -13.91
C TYR D 27 16.24 -16.15 -12.52
N ASP D 28 16.39 -15.24 -11.56
CA ASP D 28 16.47 -15.59 -10.15
C ASP D 28 15.06 -15.61 -9.58
N VAL D 29 14.57 -16.79 -9.24
CA VAL D 29 13.19 -16.98 -8.81
C VAL D 29 13.14 -17.10 -7.30
N ARG D 30 12.19 -16.40 -6.69
CA ARG D 30 11.86 -16.54 -5.27
C ARG D 30 10.40 -16.97 -5.18
N LYS D 31 10.10 -17.83 -4.21
CA LYS D 31 8.79 -18.46 -4.11
C LYS D 31 8.14 -18.12 -2.78
N ALA D 32 6.83 -17.90 -2.79
CA ALA D 32 6.06 -17.74 -1.57
C ALA D 32 4.75 -18.50 -1.69
N GLU D 33 4.40 -19.25 -0.64
CA GLU D 33 3.20 -20.07 -0.64
C GLU D 33 1.97 -19.38 -0.05
N ASP D 34 2.05 -18.11 0.32
CA ASP D 34 0.90 -17.43 0.89
C ASP D 34 1.08 -15.92 0.74
N GLY D 35 -0.06 -15.21 0.76
CA GLY D 35 -0.05 -13.79 0.50
C GLY D 35 0.72 -12.97 1.51
N ILE D 36 0.74 -13.38 2.78
CA ILE D 36 1.46 -12.63 3.79
C ILE D 36 2.97 -12.79 3.59
N LYS D 37 3.43 -14.03 3.41
CA LYS D 37 4.83 -14.25 3.11
C LYS D 37 5.20 -13.62 1.78
N GLY D 38 4.32 -13.70 0.79
CA GLY D 38 4.58 -13.03 -0.48
C GLY D 38 4.78 -11.53 -0.33
N GLN D 39 3.89 -10.88 0.42
CA GLN D 39 4.02 -9.45 0.67
C GLN D 39 5.32 -9.13 1.39
N ALA D 40 5.66 -9.90 2.43
CA ALA D 40 6.89 -9.66 3.16
C ALA D 40 8.11 -9.84 2.28
N LEU D 41 8.11 -10.88 1.42
CA LEU D 41 9.23 -11.09 0.51
C LEU D 41 9.33 -9.97 -0.52
N ALA D 42 8.19 -9.51 -1.04
CA ALA D 42 8.20 -8.39 -1.98
C ALA D 42 8.79 -7.14 -1.33
N VAL D 43 8.38 -6.83 -0.10
CA VAL D 43 8.91 -5.66 0.60
C VAL D 43 10.40 -5.82 0.86
N GLN D 44 10.83 -7.02 1.27
CA GLN D 44 12.23 -7.22 1.63
C GLN D 44 13.15 -7.22 0.41
N LEU D 45 12.71 -7.84 -0.69
CA LEU D 45 13.58 -8.07 -1.83
C LEU D 45 13.43 -7.04 -2.93
N VAL D 46 12.30 -6.34 -3.00
CA VAL D 46 11.96 -5.45 -4.10
C VAL D 46 12.24 -6.18 -5.42
N PRO D 47 11.52 -7.26 -5.71
CA PRO D 47 11.78 -8.01 -6.94
C PRO D 47 11.50 -7.19 -8.19
N ASP D 48 12.08 -7.64 -9.30
CA ASP D 48 11.86 -6.98 -10.58
C ASP D 48 10.51 -7.33 -11.20
N LEU D 49 9.88 -8.40 -10.74
CA LEU D 49 8.54 -8.74 -11.17
C LEU D 49 7.86 -9.56 -10.07
N ILE D 50 6.56 -9.35 -9.90
CA ILE D 50 5.74 -10.18 -9.02
C ILE D 50 4.72 -10.92 -9.86
N MET D 51 4.67 -12.24 -9.71
CA MET D 51 3.58 -13.06 -10.21
C MET D 51 2.70 -13.44 -9.02
N LEU D 52 1.43 -13.07 -9.09
CA LEU D 52 0.57 -13.14 -7.90
C LEU D 52 -0.70 -13.94 -8.21
N PHD D 53 -0.85 -15.08 -7.54
CA PHD D 53 -2.10 -15.83 -7.55
C PHD D 53 -3.25 -15.05 -6.92
O PHD D 53 -3.04 -14.13 -6.13
CB PHD D 53 -1.92 -17.17 -6.85
CG PHD D 53 -3.19 -17.98 -6.68
OD1 PHD D 53 -3.96 -17.92 -7.71
OD2 PHD D 53 -3.42 -18.61 -5.66
P PHD D 53 -5.11 -19.22 -8.25
OP1 PHD D 53 -4.94 -19.03 -9.74
OP2 PHD D 53 -4.52 -20.48 -7.66
OP3 PHD D 53 -6.44 -18.76 -7.67
N LEU D 54 -4.47 -15.43 -7.27
CA LEU D 54 -5.68 -14.76 -6.78
C LEU D 54 -6.14 -15.30 -5.43
N MET D 55 -6.17 -16.63 -5.30
CA MET D 55 -6.86 -17.29 -4.20
C MET D 55 -5.89 -17.70 -3.09
N LEU D 56 -5.15 -16.72 -2.58
CA LEU D 56 -4.21 -17.00 -1.52
C LEU D 56 -4.93 -17.12 -0.18
N PRO D 57 -4.48 -18.00 0.70
CA PRO D 57 -5.09 -18.09 2.04
C PRO D 57 -4.80 -16.89 2.92
N ARG D 58 -5.76 -16.60 3.80
CA ARG D 58 -5.73 -15.54 4.81
C ARG D 58 -5.81 -14.14 4.23
N VAL D 59 -5.23 -13.92 3.05
CA VAL D 59 -5.27 -12.63 2.37
C VAL D 59 -5.52 -12.87 0.89
N ASP D 60 -6.61 -12.31 0.37
CA ASP D 60 -6.93 -12.46 -1.03
C ASP D 60 -5.89 -11.73 -1.90
N GLY D 61 -5.78 -12.17 -3.15
CA GLY D 61 -4.80 -11.58 -4.05
C GLY D 61 -5.04 -10.12 -4.34
N PHE D 62 -6.30 -9.68 -4.30
CA PHE D 62 -6.59 -8.27 -4.53
C PHE D 62 -6.03 -7.41 -3.42
N THR D 63 -6.25 -7.83 -2.16
CA THR D 63 -5.70 -7.09 -1.04
C THR D 63 -4.17 -7.06 -1.08
N VAL D 64 -3.55 -8.17 -1.46
CA VAL D 64 -2.09 -8.21 -1.60
C VAL D 64 -1.62 -7.19 -2.64
N CYS D 65 -2.24 -7.21 -3.82
CA CYS D 65 -1.85 -6.27 -4.88
C CYS D 65 -2.06 -4.83 -4.44
N GLN D 66 -3.20 -4.53 -3.81
CA GLN D 66 -3.45 -3.18 -3.32
C GLN D 66 -2.41 -2.75 -2.29
N ARG D 67 -2.03 -3.65 -1.38
CA ARG D 67 -1.02 -3.28 -0.38
C ARG D 67 0.34 -3.07 -1.03
N LEU D 68 0.69 -3.88 -2.02
CA LEU D 68 1.94 -3.64 -2.75
C LEU D 68 1.91 -2.28 -3.43
N ARG D 69 0.75 -1.91 -4.00
CA ARG D 69 0.61 -0.59 -4.59
C ARG D 69 0.60 0.53 -3.56
N ARG D 70 0.32 0.21 -2.30
CA ARG D 70 0.29 1.22 -1.24
C ARG D 70 1.67 1.52 -0.66
N ASP D 71 2.63 0.60 -0.83
CA ASP D 71 3.98 0.81 -0.33
C ASP D 71 4.81 1.49 -1.41
N GLU D 72 5.39 2.64 -1.08
CA GLU D 72 6.17 3.41 -2.04
C GLU D 72 7.29 2.59 -2.66
N ARG D 73 7.82 1.61 -1.91
CA ARG D 73 8.92 0.79 -2.40
C ARG D 73 8.46 -0.23 -3.44
N THR D 74 7.18 -0.62 -3.41
CA THR D 74 6.66 -1.66 -4.30
C THR D 74 5.62 -1.15 -5.28
N ALA D 75 5.20 0.11 -5.18
CA ALA D 75 4.11 0.62 -6.01
C ALA D 75 4.39 0.50 -7.49
N GLU D 76 5.67 0.52 -7.89
CA GLU D 76 6.02 0.48 -9.31
C GLU D 76 6.34 -0.93 -9.79
N ILE D 77 6.41 -1.91 -8.91
CA ILE D 77 6.77 -3.27 -9.34
C ILE D 77 5.62 -3.85 -10.16
N PRO D 78 5.88 -4.33 -11.38
CA PRO D 78 4.80 -4.94 -12.18
C PRO D 78 4.22 -6.17 -11.51
N VAL D 79 2.91 -6.33 -11.62
CA VAL D 79 2.19 -7.47 -11.04
C VAL D 79 1.46 -8.19 -12.15
N LEU D 80 1.87 -9.43 -12.43
CA LEU D 80 1.13 -10.33 -13.31
C LEU D 80 0.21 -11.20 -12.46
N MET D 81 -1.09 -10.96 -12.55
CA MET D 81 -2.06 -11.74 -11.78
C MET D 81 -2.39 -13.06 -12.47
N LEU D 82 -2.34 -14.14 -11.71
CA LEU D 82 -2.86 -15.44 -12.12
C LEU D 82 -4.27 -15.61 -11.58
N THR D 83 -5.22 -15.90 -12.47
CA THR D 83 -6.63 -15.93 -12.12
C THR D 83 -7.28 -17.16 -12.74
N ALA D 84 -8.23 -17.74 -12.00
CA ALA D 84 -8.96 -18.89 -12.54
C ALA D 84 -10.08 -18.49 -13.50
N LEU D 85 -10.28 -17.19 -13.72
CA LEU D 85 -11.29 -16.62 -14.63
C LEU D 85 -12.59 -17.42 -14.70
N GLY D 86 -13.57 -17.09 -13.87
CA GLY D 86 -14.84 -17.78 -13.97
C GLY D 86 -16.08 -17.00 -13.58
N GLN D 87 -15.92 -15.86 -12.90
CA GLN D 87 -17.06 -15.06 -12.49
C GLN D 87 -16.79 -13.59 -12.78
N THR D 88 -17.82 -12.91 -13.29
CA THR D 88 -17.69 -11.50 -13.64
C THR D 88 -17.45 -10.62 -12.41
N GLN D 89 -17.72 -11.14 -11.21
CA GLN D 89 -17.53 -10.34 -10.01
C GLN D 89 -16.05 -10.22 -9.66
N ASP D 90 -15.30 -11.31 -9.78
CA ASP D 90 -13.86 -11.21 -9.57
C ASP D 90 -13.24 -10.30 -10.62
N LYS D 91 -13.83 -10.29 -11.83
CA LYS D 91 -13.38 -9.35 -12.86
C LYS D 91 -13.61 -7.92 -12.41
N VAL D 92 -14.81 -7.63 -11.88
CA VAL D 92 -15.17 -6.27 -11.50
C VAL D 92 -14.31 -5.80 -10.33
N GLU D 93 -13.95 -6.72 -9.43
CA GLU D 93 -13.12 -6.33 -8.30
C GLU D 93 -11.66 -6.18 -8.71
N GLY D 94 -11.18 -7.01 -9.65
CA GLY D 94 -9.86 -6.81 -10.20
C GLY D 94 -9.72 -5.52 -10.98
N PHE D 95 -10.80 -5.07 -11.63
CA PHE D 95 -10.80 -3.78 -12.31
C PHE D 95 -10.48 -2.60 -11.38
N ASN D 96 -10.41 -2.81 -10.07
CA ASN D 96 -10.04 -1.75 -9.14
C ASN D 96 -8.76 -2.02 -8.37
N ALA D 97 -8.18 -3.21 -8.50
CA ALA D 97 -7.04 -3.58 -7.67
C ALA D 97 -5.72 -2.97 -8.12
N GLY D 98 -5.62 -2.57 -9.39
CA GLY D 98 -4.39 -2.00 -9.89
C GLY D 98 -3.42 -3.03 -10.43
N ALA D 99 -3.92 -4.19 -10.84
CA ALA D 99 -3.09 -5.20 -11.49
C ALA D 99 -2.62 -4.73 -12.85
N ASP D 100 -1.42 -5.18 -13.23
CA ASP D 100 -0.85 -4.78 -14.50
C ASP D 100 -1.27 -5.71 -15.64
N ASP D 101 -1.43 -7.00 -15.36
CA ASP D 101 -1.90 -7.94 -16.37
C ASP D 101 -2.53 -9.12 -15.67
N TYR D 102 -3.23 -9.95 -16.45
CA TYR D 102 -3.84 -11.17 -15.95
C TYR D 102 -3.43 -12.32 -16.84
N LEU D 103 -3.29 -13.50 -16.23
CA LEU D 103 -3.02 -14.73 -16.97
C LEU D 103 -3.97 -15.81 -16.47
N THR D 104 -4.75 -16.39 -17.38
CA THR D 104 -5.75 -17.37 -17.02
C THR D 104 -5.14 -18.77 -16.90
N LYS D 105 -5.45 -19.45 -15.80
CA LYS D 105 -5.07 -20.85 -15.64
C LYS D 105 -6.13 -21.75 -16.29
N PRO D 106 -5.72 -22.80 -17.01
CA PRO D 106 -4.35 -23.16 -17.40
C PRO D 106 -3.77 -22.23 -18.46
N PHE D 107 -2.47 -21.92 -18.36
CA PHE D 107 -1.80 -21.05 -19.31
C PHE D 107 -0.72 -21.82 -20.06
N GLU D 108 -0.41 -21.35 -21.26
CA GLU D 108 0.75 -21.85 -21.98
C GLU D 108 2.02 -21.20 -21.44
N VAL D 109 3.08 -22.01 -21.32
CA VAL D 109 4.34 -21.51 -20.79
C VAL D 109 4.89 -20.39 -21.68
N GLU D 110 4.73 -20.53 -22.99
CA GLU D 110 5.22 -19.50 -23.90
C GLU D 110 4.51 -18.17 -23.69
N GLU D 111 3.20 -18.20 -23.46
CA GLU D 111 2.46 -16.97 -23.16
C GLU D 111 2.96 -16.34 -21.87
N MET D 112 3.11 -17.14 -20.82
CA MET D 112 3.67 -16.65 -19.57
C MET D 112 5.02 -15.96 -19.78
N LEU D 113 5.92 -16.62 -20.51
CA LEU D 113 7.24 -16.04 -20.75
C LEU D 113 7.16 -14.77 -21.59
N ALA D 114 6.23 -14.71 -22.53
CA ALA D 114 6.05 -13.49 -23.32
C ALA D 114 5.61 -12.34 -22.43
N ARG D 115 4.63 -12.59 -21.57
CA ARG D 115 4.17 -11.54 -20.65
C ARG D 115 5.29 -11.10 -19.72
N VAL D 116 6.04 -12.06 -19.18
CA VAL D 116 7.19 -11.73 -18.33
C VAL D 116 8.18 -10.85 -19.08
N ARG D 117 8.51 -11.22 -20.31
CA ARG D 117 9.44 -10.43 -21.12
C ARG D 117 8.91 -9.02 -21.35
N ALA D 118 7.63 -8.89 -21.67
CA ALA D 118 7.06 -7.58 -21.94
C ALA D 118 7.07 -6.71 -20.68
N LEU D 119 6.72 -7.29 -19.54
CA LEU D 119 6.74 -6.54 -18.29
C LEU D 119 8.15 -6.09 -17.95
N LEU D 120 9.13 -6.98 -18.14
CA LEU D 120 10.51 -6.60 -17.82
C LEU D 120 11.01 -5.53 -18.79
N GLN D 121 10.62 -5.63 -20.06
CA GLN D 121 10.99 -4.60 -21.03
C GLN D 121 10.29 -3.29 -20.72
N ARG D 122 9.20 -3.33 -19.94
CA ARG D 122 8.46 -2.13 -19.61
C ARG D 122 9.06 -1.44 -18.40
N THR D 123 9.50 -2.22 -17.42
CA THR D 123 10.12 -1.66 -16.22
C THR D 123 11.39 -0.88 -16.56
N ASP D 124 12.10 -1.29 -17.60
CA ASP D 124 13.34 -0.64 -17.98
C ASP D 124 13.10 0.46 -19.03
N SER D 133 14.15 -2.16 2.76
CA SER D 133 15.33 -3.00 2.66
C SER D 133 15.59 -3.75 3.97
N GLU D 134 14.51 -4.08 4.68
CA GLU D 134 14.59 -4.75 5.96
C GLU D 134 14.10 -6.18 5.83
N ILE D 135 14.76 -7.10 6.53
CA ILE D 135 14.31 -8.49 6.57
C ILE D 135 13.04 -8.56 7.41
N LEU D 136 11.89 -8.73 6.76
CA LEU D 136 10.64 -8.91 7.50
C LEU D 136 10.20 -10.37 7.62
N SER D 137 10.84 -11.31 6.91
CA SER D 137 10.46 -12.70 7.00
C SER D 137 11.71 -13.58 6.92
N TYR D 138 11.85 -14.51 7.85
CA TYR D 138 12.89 -15.52 7.78
C TYR D 138 12.42 -16.76 8.52
N GLY D 139 12.45 -17.92 7.83
CA GLY D 139 12.04 -19.16 8.42
C GLY D 139 10.64 -19.16 8.99
N PRO D 140 10.50 -19.48 10.28
CA PRO D 140 9.18 -19.56 10.89
C PRO D 140 8.53 -18.23 11.22
N LEU D 141 9.18 -17.09 11.01
CA LEU D 141 8.63 -15.81 11.40
C LEU D 141 8.30 -15.06 10.11
N THR D 142 7.05 -14.63 9.97
CA THR D 142 6.67 -13.34 9.40
C THR D 142 6.46 -12.22 10.42
N LEU D 143 7.10 -11.08 10.19
CA LEU D 143 6.81 -9.89 11.00
C LEU D 143 5.72 -9.09 10.30
N ILE D 144 4.74 -8.62 11.06
CA ILE D 144 3.68 -7.76 10.53
C ILE D 144 3.79 -6.39 11.18
N PRO D 145 4.53 -5.47 10.57
CA PRO D 145 4.70 -4.13 11.18
C PRO D 145 3.39 -3.38 11.35
N GLU D 146 2.50 -3.46 10.35
CA GLU D 146 1.30 -2.65 10.34
C GLU D 146 0.36 -3.02 11.49
N ARG D 147 0.56 -4.18 12.09
CA ARG D 147 -0.32 -4.68 13.13
C ARG D 147 0.46 -5.00 14.40
N PHE D 148 1.77 -4.75 14.41
CA PHE D 148 2.67 -5.16 15.48
C PHE D 148 2.44 -6.60 15.89
N GLU D 149 2.40 -7.49 14.89
CA GLU D 149 2.13 -8.89 15.15
C GLU D 149 3.24 -9.75 14.57
N ALA D 150 3.39 -10.95 15.11
CA ALA D 150 4.27 -11.94 14.49
C ALA D 150 3.48 -13.18 14.12
N ILE D 151 3.64 -13.62 12.88
CA ILE D 151 3.33 -15.01 12.53
C ILE D 151 4.53 -15.86 12.89
N TRP D 152 4.33 -16.79 13.83
CA TRP D 152 5.36 -17.71 14.29
C TRP D 152 4.90 -19.11 13.93
N PHE D 153 5.58 -19.73 12.97
CA PHE D 153 5.05 -20.88 12.28
C PHE D 153 3.65 -20.55 11.75
N ASN D 154 2.61 -21.14 12.34
CA ASN D 154 1.24 -20.90 11.94
C ASN D 154 0.40 -20.21 13.01
N ARG D 155 1.01 -19.67 14.06
CA ARG D 155 0.24 -18.97 15.10
C ARG D 155 0.52 -17.48 15.08
N THR D 156 -0.54 -16.70 15.28
CA THR D 156 -0.45 -15.25 15.45
C THR D 156 -0.15 -14.87 16.90
N VAL D 157 0.88 -14.06 17.10
CA VAL D 157 1.28 -13.58 18.41
C VAL D 157 1.23 -12.06 18.40
N LYS D 158 0.43 -11.48 19.29
CA LYS D 158 0.38 -10.04 19.46
C LYS D 158 1.60 -9.55 20.26
N LEU D 159 2.27 -8.53 19.76
CA LEU D 159 3.42 -7.93 20.43
C LEU D 159 3.12 -6.48 20.79
N THR D 160 3.73 -6.02 21.88
CA THR D 160 3.83 -4.59 22.15
C THR D 160 4.82 -3.94 21.18
N HIS D 161 4.76 -2.60 21.13
CA HIS D 161 5.67 -1.85 20.26
C HIS D 161 7.14 -2.14 20.56
N LEU D 162 7.53 -2.11 21.83
CA LEU D 162 8.93 -2.36 22.16
C LEU D 162 9.31 -3.82 21.95
N GLU D 163 8.41 -4.74 22.31
CA GLU D 163 8.66 -6.16 22.04
C GLU D 163 8.80 -6.41 20.55
N PHE D 164 7.94 -5.79 19.74
CA PHE D 164 8.03 -5.95 18.30
C PHE D 164 9.36 -5.40 17.77
N GLU D 165 9.71 -4.18 18.17
CA GLU D 165 10.96 -3.58 17.70
C GLU D 165 12.17 -4.37 18.14
N LEU D 166 12.13 -4.93 19.35
CA LEU D 166 13.21 -5.80 19.82
C LEU D 166 13.33 -7.06 18.98
N LEU D 167 12.19 -7.70 18.69
CA LEU D 167 12.22 -8.90 17.87
C LEU D 167 12.71 -8.59 16.46
N HIS D 168 12.32 -7.44 15.92
CA HIS D 168 12.81 -7.01 14.61
C HIS D 168 14.32 -6.78 14.64
N CYS D 169 14.81 -6.06 15.64
CA CYS D 169 16.25 -5.85 15.80
C CYS D 169 17.00 -7.17 15.85
N LEU D 170 16.44 -8.16 16.54
CA LEU D 170 17.09 -9.47 16.59
C LEU D 170 17.03 -10.18 15.24
N LEU D 171 15.91 -10.02 14.53
CA LEU D 171 15.76 -10.66 13.22
C LEU D 171 16.74 -10.10 12.20
N GLN D 172 16.97 -8.78 12.24
CA GLN D 172 17.95 -8.17 11.36
C GLN D 172 19.34 -8.79 11.53
N ARG D 173 19.62 -9.33 12.72
CA ARG D 173 20.92 -9.93 13.00
C ARG D 173 20.78 -11.42 13.33
N HIS D 174 19.81 -12.08 12.69
CA HIS D 174 19.59 -13.50 12.85
C HIS D 174 20.89 -14.29 12.73
N GLY D 175 21.12 -15.20 13.69
CA GLY D 175 22.32 -15.99 13.74
C GLY D 175 23.54 -15.27 14.25
N GLN D 176 23.45 -13.97 14.53
CA GLN D 176 24.52 -13.18 15.11
C GLN D 176 24.14 -12.77 16.52
N THR D 177 25.15 -12.60 17.37
CA THR D 177 24.93 -12.09 18.71
C THR D 177 24.81 -10.57 18.69
N VAL D 178 23.72 -10.06 19.24
CA VAL D 178 23.48 -8.63 19.33
C VAL D 178 23.84 -8.15 20.73
N ALA D 179 24.68 -7.13 20.82
CA ALA D 179 25.11 -6.60 22.09
C ALA D 179 23.98 -5.79 22.73
N PRO D 180 23.90 -5.78 24.07
CA PRO D 180 22.89 -4.93 24.72
C PRO D 180 23.00 -3.46 24.37
N SER D 181 24.21 -2.94 24.24
CA SER D 181 24.38 -1.53 23.84
C SER D 181 23.82 -1.28 22.46
N GLU D 182 23.99 -2.23 21.54
CA GLU D 182 23.43 -2.07 20.20
C GLU D 182 21.91 -2.07 20.24
N ILE D 183 21.31 -2.94 21.05
CA ILE D 183 19.87 -2.96 21.21
C ILE D 183 19.37 -1.62 21.76
N LEU D 184 20.05 -1.12 22.80
CA LEU D 184 19.70 0.18 23.37
C LEU D 184 19.74 1.28 22.33
N LYS D 185 20.81 1.32 21.54
CA LYS D 185 20.96 2.38 20.55
C LYS D 185 19.92 2.26 19.44
N GLU D 186 19.69 1.05 18.93
CA GLU D 186 18.81 0.89 17.78
C GLU D 186 17.33 1.02 18.15
N VAL D 187 16.91 0.33 19.21
CA VAL D 187 15.49 0.31 19.55
C VAL D 187 15.11 1.52 20.40
N TRP D 188 15.89 1.83 21.42
CA TRP D 188 15.56 2.92 22.32
C TRP D 188 16.30 4.22 22.01
N GLY D 189 17.33 4.19 21.19
CA GLY D 189 18.09 5.40 20.97
C GLY D 189 18.81 5.92 22.19
N TYR D 190 18.98 5.07 23.20
CA TYR D 190 19.58 5.47 24.46
C TYR D 190 21.10 5.40 24.38
N ASP D 191 21.74 6.00 25.38
CA ASP D 191 23.19 5.91 25.48
C ASP D 191 23.61 4.46 25.75
N PRO D 192 24.68 3.99 25.12
CA PRO D 192 25.26 2.68 25.45
C PRO D 192 25.39 2.38 26.95
N ASP D 193 25.56 3.41 27.77
CA ASP D 193 25.81 3.23 29.18
C ASP D 193 24.56 3.20 30.04
N ASP D 194 23.37 3.33 29.45
CA ASP D 194 22.16 3.26 30.26
C ASP D 194 21.92 1.83 30.73
N ASP D 195 21.03 1.70 31.72
CA ASP D 195 20.77 0.41 32.32
C ASP D 195 20.19 -0.57 31.30
N ILE D 196 20.93 -1.64 31.01
CA ILE D 196 20.45 -2.67 30.08
C ILE D 196 19.50 -3.67 30.72
N GLU D 197 19.35 -3.64 32.05
CA GLU D 197 18.54 -4.64 32.74
C GLU D 197 17.09 -4.63 32.27
N THR D 198 16.57 -3.45 31.92
CA THR D 198 15.21 -3.38 31.41
C THR D 198 15.01 -4.27 30.20
N ILE D 199 15.99 -4.28 29.28
CA ILE D 199 15.89 -5.15 28.11
C ILE D 199 15.74 -6.59 28.53
N ARG D 200 16.50 -7.00 29.54
CA ARG D 200 16.47 -8.39 29.98
C ARG D 200 15.06 -8.81 30.37
N VAL D 201 14.27 -7.89 30.93
CA VAL D 201 12.89 -8.23 31.26
C VAL D 201 12.11 -8.54 29.99
N HIS D 202 12.16 -7.62 29.03
CA HIS D 202 11.32 -7.74 27.83
C HIS D 202 11.69 -8.95 26.99
N ILE D 203 12.98 -9.33 27.00
CA ILE D 203 13.39 -10.53 26.29
C ILE D 203 12.60 -11.75 26.76
N ARG D 204 12.38 -11.88 28.07
CA ARG D 204 11.64 -13.07 28.49
C ARG D 204 10.21 -13.03 27.98
N HIS D 205 9.62 -11.84 27.90
CA HIS D 205 8.28 -11.74 27.32
C HIS D 205 8.29 -12.32 25.92
N LEU D 206 9.27 -11.95 25.10
CA LEU D 206 9.37 -12.55 23.77
C LEU D 206 9.46 -14.06 23.87
N ARG D 207 10.32 -14.56 24.77
CA ARG D 207 10.41 -16.00 24.97
C ARG D 207 9.08 -16.55 25.45
N THR D 208 8.41 -15.83 26.37
CA THR D 208 7.13 -16.29 26.87
C THR D 208 6.14 -16.43 25.72
N LYS D 209 6.25 -15.55 24.72
CA LYS D 209 5.35 -15.62 23.59
C LYS D 209 5.84 -16.64 22.56
N LEU D 210 7.15 -16.84 22.45
CA LEU D 210 7.69 -17.59 21.33
C LEU D 210 8.28 -18.94 21.68
N GLU D 211 8.85 -19.11 22.87
CA GLU D 211 9.46 -20.40 23.14
C GLU D 211 8.42 -21.44 23.55
N PRO D 212 8.62 -22.70 23.17
CA PRO D 212 7.81 -23.78 23.74
C PRO D 212 7.98 -23.91 25.25
N ASP D 213 9.21 -23.79 25.75
CA ASP D 213 9.49 -23.76 27.18
C ASP D 213 10.32 -22.52 27.49
N PRO D 214 9.73 -21.51 28.12
CA PRO D 214 10.49 -20.29 28.43
C PRO D 214 11.68 -20.52 29.35
N ARG D 215 11.69 -21.61 30.12
CA ARG D 215 12.81 -21.88 31.00
C ARG D 215 13.99 -22.53 30.28
N HIS D 216 13.75 -23.19 29.14
CA HIS D 216 14.80 -23.79 28.33
C HIS D 216 14.70 -23.25 26.91
N PRO D 217 14.99 -21.96 26.71
CA PRO D 217 14.75 -21.33 25.40
C PRO D 217 15.63 -21.93 24.32
N ARG D 218 14.99 -22.33 23.21
CA ARG D 218 15.70 -22.96 22.10
C ARG D 218 16.10 -21.95 21.03
N TYR D 219 15.26 -20.95 20.78
CA TYR D 219 15.42 -20.03 19.65
C TYR D 219 16.04 -18.70 20.06
N ILE D 220 15.59 -18.11 21.18
CA ILE D 220 16.14 -16.86 21.68
C ILE D 220 17.23 -17.24 22.67
N LYS D 221 18.45 -17.42 22.17
CA LYS D 221 19.56 -17.88 22.98
C LYS D 221 20.26 -16.70 23.64
N THR D 222 20.79 -16.95 24.84
CA THR D 222 21.68 -16.03 25.51
C THR D 222 23.14 -16.43 25.27
N VAL D 223 23.93 -15.49 24.76
CA VAL D 223 25.37 -15.68 24.62
C VAL D 223 25.99 -14.97 25.82
N TYR D 224 26.37 -15.76 26.83
CA TYR D 224 26.81 -15.20 28.10
C TYR D 224 27.96 -14.23 27.92
N GLY D 225 27.79 -13.02 28.46
CA GLY D 225 28.77 -11.97 28.33
C GLY D 225 28.70 -11.19 27.03
N ALA D 226 27.85 -11.59 26.10
CA ALA D 226 27.75 -10.93 24.80
C ALA D 226 26.36 -10.40 24.49
N GLY D 227 25.30 -11.11 24.87
CA GLY D 227 23.97 -10.62 24.63
C GLY D 227 22.97 -11.69 24.22
N TYR D 228 22.17 -11.41 23.20
CA TYR D 228 21.10 -12.30 22.76
C TYR D 228 21.25 -12.58 21.28
N CYS D 229 20.82 -13.78 20.88
CA CYS D 229 20.88 -14.21 19.49
C CYS D 229 19.56 -14.88 19.14
N LEU D 230 19.00 -14.52 18.00
CA LEU D 230 17.85 -15.21 17.43
C LEU D 230 18.35 -16.20 16.40
N GLU D 231 18.24 -17.49 16.70
CA GLU D 231 18.63 -18.58 15.82
C GLU D 231 17.36 -19.26 15.32
N LEU D 232 17.11 -19.16 14.02
CA LEU D 232 15.92 -19.77 13.43
C LEU D 232 16.31 -20.95 12.56
N PRO D 233 15.54 -22.03 12.60
CA PRO D 233 15.79 -23.14 11.67
C PRO D 233 15.53 -22.74 10.22
N ALA D 234 16.32 -23.32 9.33
CA ALA D 234 16.08 -23.15 7.91
C ALA D 234 14.74 -23.76 7.51
N GLU D 235 14.16 -23.22 6.44
CA GLU D 235 12.84 -23.67 5.98
C GLU D 235 12.79 -25.19 5.78
N THR D 236 13.92 -25.81 5.43
CA THR D 236 13.93 -27.25 5.23
C THR D 236 13.64 -28.04 6.51
N GLU D 237 13.75 -27.40 7.68
CA GLU D 237 13.58 -28.10 8.95
C GLU D 237 12.27 -27.76 9.64
N LEU D 238 11.42 -26.93 9.02
CA LEU D 238 10.22 -26.45 9.70
C LEU D 238 9.30 -27.59 10.12
N HIS D 239 9.26 -28.67 9.34
CA HIS D 239 8.37 -29.78 9.61
C HIS D 239 8.68 -30.50 10.91
N GLN D 240 9.89 -30.34 11.45
CA GLN D 240 10.28 -30.98 12.69
C GLN D 240 10.01 -30.12 13.93
N HIS D 241 9.67 -28.85 13.74
CA HIS D 241 9.54 -27.91 14.84
C HIS D 241 8.11 -27.48 15.12
N ALA D 242 7.21 -27.60 14.14
CA ALA D 242 5.82 -27.18 14.34
C ALA D 242 5.13 -27.99 15.42
N ASP D 243 5.48 -29.28 15.55
CA ASP D 243 4.84 -30.14 16.54
C ASP D 243 5.23 -29.80 17.97
N GLN D 244 6.17 -28.87 18.16
CA GLN D 244 6.67 -28.56 19.50
C GLN D 244 5.85 -27.45 20.14
N MET E 1 -5.29 16.20 -21.25
CA MET E 1 -5.89 15.97 -22.55
C MET E 1 -6.48 14.56 -22.63
N LYS E 2 -7.36 14.34 -23.61
CA LYS E 2 -7.84 13.00 -23.89
C LYS E 2 -6.73 12.16 -24.50
N PRO E 3 -6.47 10.95 -24.00
CA PRO E 3 -5.49 10.07 -24.63
C PRO E 3 -5.86 9.78 -26.09
N ARG E 4 -4.85 9.82 -26.95
CA ARG E 4 -5.05 9.55 -28.38
C ARG E 4 -4.76 8.09 -28.68
N ILE E 5 -5.71 7.41 -29.30
CA ILE E 5 -5.58 6.01 -29.69
C ILE E 5 -5.71 5.92 -31.21
N LEU E 6 -4.72 5.28 -31.84
CA LEU E 6 -4.78 4.96 -33.27
C LEU E 6 -5.19 3.50 -33.44
N VAL E 7 -6.33 3.28 -34.09
CA VAL E 7 -6.81 1.94 -34.42
C VAL E 7 -6.57 1.66 -35.89
N ILE E 8 -5.89 0.55 -36.18
CA ILE E 8 -5.56 0.15 -37.54
C ILE E 8 -6.15 -1.24 -37.76
N ASP E 9 -7.20 -1.30 -38.58
CA ASP E 9 -7.88 -2.57 -38.84
C ASP E 9 -8.60 -2.48 -40.18
N ASP E 10 -8.48 -3.52 -41.00
CA ASP E 10 -9.15 -3.54 -42.29
C ASP E 10 -10.60 -3.96 -42.21
N ASP E 11 -11.04 -4.55 -41.09
CA ASP E 11 -12.45 -4.85 -40.90
C ASP E 11 -13.14 -3.57 -40.45
N SER E 12 -13.85 -2.93 -41.39
CA SER E 12 -14.58 -1.71 -41.05
C SER E 12 -15.58 -1.91 -39.92
N ALA E 13 -16.15 -3.11 -39.79
CA ALA E 13 -17.11 -3.32 -38.72
C ALA E 13 -16.43 -3.44 -37.36
N ILE E 14 -15.32 -4.17 -37.29
CA ILE E 14 -14.54 -4.24 -36.06
C ILE E 14 -13.96 -2.88 -35.74
N LEU E 15 -13.37 -2.22 -36.75
CA LEU E 15 -12.81 -0.89 -36.56
C LEU E 15 -13.86 0.08 -36.02
N GLU E 16 -15.08 0.03 -36.55
CA GLU E 16 -16.13 0.92 -36.09
C GLU E 16 -16.57 0.57 -34.68
N LEU E 17 -16.75 -0.72 -34.37
CA LEU E 17 -17.11 -1.13 -33.02
C LEU E 17 -16.08 -0.63 -32.01
N VAL E 18 -14.80 -0.85 -32.30
CA VAL E 18 -13.72 -0.41 -31.41
C VAL E 18 -13.74 1.10 -31.26
N ALA E 19 -13.86 1.82 -32.37
CA ALA E 19 -13.83 3.28 -32.33
C ALA E 19 -14.97 3.80 -31.47
N VAL E 20 -16.19 3.29 -31.70
CA VAL E 20 -17.35 3.73 -30.93
C VAL E 20 -17.14 3.45 -29.44
N ASN E 21 -16.65 2.25 -29.11
CA ASN E 21 -16.47 1.90 -27.70
C ASN E 21 -15.40 2.76 -27.03
N LEU E 22 -14.32 3.08 -27.76
CA LEU E 22 -13.30 3.95 -27.21
C LEU E 22 -13.80 5.38 -27.04
N GLU E 23 -14.55 5.89 -28.02
CA GLU E 23 -15.09 7.23 -27.90
C GLU E 23 -16.07 7.34 -26.74
N MET E 24 -16.91 6.32 -26.55
CA MET E 24 -17.78 6.29 -25.39
C MET E 24 -16.97 6.30 -24.09
N SER E 25 -15.77 5.74 -24.10
CA SER E 25 -14.89 5.80 -22.95
C SER E 25 -14.11 7.11 -22.86
N GLY E 26 -14.28 8.02 -23.81
CA GLY E 26 -13.71 9.35 -23.71
C GLY E 26 -12.39 9.55 -24.41
N TYR E 27 -11.94 8.60 -25.22
CA TYR E 27 -10.67 8.73 -25.93
C TYR E 27 -10.83 9.46 -27.25
N ASP E 28 -9.74 10.04 -27.73
CA ASP E 28 -9.66 10.59 -29.07
C ASP E 28 -9.18 9.49 -30.01
N VAL E 29 -10.06 9.01 -30.88
CA VAL E 29 -9.79 7.87 -31.74
C VAL E 29 -9.42 8.36 -33.14
N ARG E 30 -8.37 7.78 -33.70
CA ARG E 30 -8.00 7.94 -35.10
C ARG E 30 -8.04 6.57 -35.74
N LYS E 31 -8.47 6.51 -37.00
CA LYS E 31 -8.72 5.25 -37.68
C LYS E 31 -7.87 5.17 -38.94
N ALA E 32 -7.34 3.98 -39.21
CA ALA E 32 -6.64 3.73 -40.47
C ALA E 32 -7.02 2.36 -41.03
N GLU E 33 -7.29 2.33 -42.33
CA GLU E 33 -7.72 1.11 -43.00
C GLU E 33 -6.58 0.30 -43.62
N ASP E 34 -5.33 0.72 -43.45
CA ASP E 34 -4.21 -0.05 -44.00
C ASP E 34 -2.93 0.31 -43.27
N GLY E 35 -1.98 -0.62 -43.33
CA GLY E 35 -0.74 -0.47 -42.58
C GLY E 35 0.11 0.71 -43.01
N ILE E 36 0.08 1.07 -44.29
CA ILE E 36 0.89 2.20 -44.75
C ILE E 36 0.31 3.51 -44.24
N LYS E 37 -0.99 3.70 -44.40
CA LYS E 37 -1.66 4.87 -43.85
C LYS E 37 -1.57 4.88 -42.33
N GLY E 38 -1.73 3.71 -41.71
CA GLY E 38 -1.59 3.62 -40.26
C GLY E 38 -0.22 4.08 -39.79
N GLN E 39 0.84 3.58 -40.42
CA GLN E 39 2.19 4.01 -40.06
C GLN E 39 2.39 5.50 -40.27
N ALA E 40 1.93 6.03 -41.40
CA ALA E 40 2.08 7.46 -41.65
C ALA E 40 1.32 8.29 -40.63
N LEU E 41 0.11 7.87 -40.26
CA LEU E 41 -0.66 8.58 -39.24
C LEU E 41 0.01 8.50 -37.88
N ALA E 42 0.56 7.33 -37.53
CA ALA E 42 1.30 7.19 -36.28
C ALA E 42 2.48 8.15 -36.24
N VAL E 43 3.23 8.22 -37.35
CA VAL E 43 4.38 9.13 -37.42
C VAL E 43 3.93 10.58 -37.30
N GLN E 44 2.82 10.95 -37.96
CA GLN E 44 2.38 12.33 -37.96
C GLN E 44 1.79 12.75 -36.61
N LEU E 45 1.02 11.87 -35.98
CA LEU E 45 0.23 12.22 -34.80
C LEU E 45 0.91 11.88 -33.49
N VAL E 46 1.85 10.93 -33.49
CA VAL E 46 2.45 10.37 -32.28
C VAL E 46 1.34 10.04 -31.28
N PRO E 47 0.48 9.08 -31.59
CA PRO E 47 -0.61 8.75 -30.67
C PRO E 47 -0.09 8.17 -29.37
N ASP E 48 -0.95 8.21 -28.35
CA ASP E 48 -0.59 7.64 -27.05
C ASP E 48 -0.72 6.13 -27.01
N LEU E 49 -1.45 5.53 -27.95
CA LEU E 49 -1.54 4.08 -28.05
C LEU E 49 -1.85 3.71 -29.49
N ILE E 50 -1.29 2.59 -29.94
CA ILE E 50 -1.63 2.00 -31.24
C ILE E 50 -2.27 0.64 -30.98
N MET E 51 -3.47 0.45 -31.53
CA MET E 51 -4.09 -0.87 -31.65
C MET E 51 -3.96 -1.33 -33.09
N LEU E 52 -3.34 -2.48 -33.30
CA LEU E 52 -2.94 -2.87 -34.65
C LEU E 52 -3.47 -4.26 -35.03
N PHD E 53 -4.22 -4.31 -36.12
CA PHD E 53 -4.61 -5.57 -36.76
C PHD E 53 -3.42 -6.40 -37.22
O PHD E 53 -2.31 -5.89 -37.34
CB PHD E 53 -5.54 -5.28 -37.95
CG PHD E 53 -6.08 -6.51 -38.67
OD1 PHD E 53 -6.40 -7.47 -37.85
OD2 PHD E 53 -6.16 -6.53 -39.87
P PHD E 53 -7.11 -9.07 -38.34
OP1 PHD E 53 -8.05 -9.23 -37.17
OP2 PHD E 53 -7.76 -8.80 -39.68
OP3 PHD E 53 -5.90 -9.98 -38.34
N LEU E 54 -3.67 -7.68 -37.48
CA LEU E 54 -2.63 -8.60 -37.90
C LEU E 54 -2.63 -8.75 -39.41
N MET E 55 -3.81 -8.92 -39.99
CA MET E 55 -3.95 -9.38 -41.37
C MET E 55 -4.23 -8.21 -42.31
N LEU E 56 -3.34 -7.23 -42.28
CA LEU E 56 -3.51 -6.10 -43.18
C LEU E 56 -3.02 -6.45 -44.58
N PRO E 57 -3.66 -5.94 -45.62
CA PRO E 57 -3.16 -6.20 -46.98
C PRO E 57 -1.85 -5.49 -47.28
N ARG E 58 -1.07 -6.13 -48.15
CA ARG E 58 0.22 -5.66 -48.66
C ARG E 58 1.33 -5.67 -47.63
N VAL E 59 1.00 -5.40 -46.36
CA VAL E 59 1.98 -5.39 -45.28
C VAL E 59 1.38 -6.07 -44.06
N ASP E 60 2.01 -7.16 -43.60
CA ASP E 60 1.52 -7.84 -42.42
C ASP E 60 1.69 -6.96 -41.18
N GLY E 61 0.89 -7.25 -40.15
CA GLY E 61 0.93 -6.46 -38.94
C GLY E 61 2.27 -6.52 -38.20
N PHE E 62 2.98 -7.63 -38.33
CA PHE E 62 4.29 -7.77 -37.69
C PHE E 62 5.29 -6.79 -38.30
N THR E 63 5.34 -6.71 -39.63
CA THR E 63 6.23 -5.75 -40.28
C THR E 63 5.89 -4.32 -39.88
N VAL E 64 4.60 -4.01 -39.77
CA VAL E 64 4.19 -2.68 -39.32
C VAL E 64 4.70 -2.40 -37.91
N CYS E 65 4.50 -3.35 -37.00
CA CYS E 65 4.98 -3.16 -35.63
C CYS E 65 6.50 -3.00 -35.57
N GLN E 66 7.23 -3.82 -36.32
CA GLN E 66 8.68 -3.71 -36.38
C GLN E 66 9.11 -2.34 -36.90
N ARG E 67 8.43 -1.83 -37.93
CA ARG E 67 8.78 -0.52 -38.45
C ARG E 67 8.47 0.59 -37.44
N LEU E 68 7.35 0.47 -36.73
CA LEU E 68 7.06 1.43 -35.65
C LEU E 68 8.14 1.39 -34.59
N ARG E 69 8.61 0.19 -34.24
CA ARG E 69 9.70 0.06 -33.27
C ARG E 69 11.03 0.56 -33.80
N ARG E 70 11.20 0.62 -35.13
CA ARG E 70 12.45 1.10 -35.70
C ARG E 70 12.51 2.61 -35.84
N ASP E 71 11.37 3.29 -35.83
CA ASP E 71 11.32 4.74 -35.92
C ASP E 71 11.39 5.32 -34.51
N GLU E 72 12.39 6.17 -34.27
CA GLU E 72 12.60 6.75 -32.94
C GLU E 72 11.36 7.46 -32.43
N ARG E 73 10.54 8.01 -33.33
CA ARG E 73 9.34 8.72 -32.93
C ARG E 73 8.23 7.78 -32.47
N THR E 74 8.24 6.54 -32.93
CA THR E 74 7.21 5.56 -32.62
C THR E 74 7.72 4.37 -31.82
N ALA E 75 9.04 4.26 -31.62
CA ALA E 75 9.61 3.09 -30.97
C ALA E 75 9.07 2.89 -29.57
N GLU E 76 8.69 3.97 -28.89
CA GLU E 76 8.20 3.86 -27.51
C GLU E 76 6.68 3.79 -27.41
N ILE E 77 5.96 4.01 -28.51
CA ILE E 77 4.50 3.97 -28.46
C ILE E 77 4.04 2.54 -28.22
N PRO E 78 3.22 2.28 -27.20
CA PRO E 78 2.73 0.91 -26.97
C PRO E 78 1.91 0.41 -28.15
N VAL E 79 2.08 -0.86 -28.48
CA VAL E 79 1.36 -1.50 -29.57
C VAL E 79 0.59 -2.69 -29.00
N LEU E 80 -0.74 -2.61 -29.03
CA LEU E 80 -1.61 -3.74 -28.72
C LEU E 80 -2.00 -4.44 -30.03
N MET E 81 -1.45 -5.64 -30.25
CA MET E 81 -1.77 -6.40 -31.45
C MET E 81 -3.08 -7.17 -31.27
N LEU E 82 -3.97 -7.06 -32.25
CA LEU E 82 -5.14 -7.91 -32.34
C LEU E 82 -4.85 -9.10 -33.26
N THR E 83 -5.08 -10.31 -32.75
CA THR E 83 -4.69 -11.53 -33.45
C THR E 83 -5.83 -12.53 -33.37
N ALA E 84 -6.01 -13.28 -34.45
CA ALA E 84 -7.03 -14.32 -34.48
C ALA E 84 -6.61 -15.61 -33.79
N LEU E 85 -5.39 -15.67 -33.25
CA LEU E 85 -4.84 -16.82 -32.55
C LEU E 85 -5.27 -18.17 -33.14
N GLY E 86 -4.51 -18.71 -34.09
CA GLY E 86 -4.85 -20.01 -34.62
C GLY E 86 -3.68 -20.83 -35.12
N GLN E 87 -2.52 -20.21 -35.29
CA GLN E 87 -1.34 -20.90 -35.79
C GLN E 87 -0.12 -20.53 -34.95
N THR E 88 0.70 -21.54 -34.64
CA THR E 88 1.88 -21.31 -33.82
C THR E 88 2.90 -20.42 -34.53
N GLN E 89 2.76 -20.25 -35.85
CA GLN E 89 3.70 -19.41 -36.59
C GLN E 89 3.43 -17.94 -36.35
N ASP E 90 2.16 -17.53 -36.33
CA ASP E 90 1.88 -16.14 -36.00
C ASP E 90 2.30 -15.84 -34.56
N LYS E 91 2.22 -16.84 -33.68
CA LYS E 91 2.74 -16.66 -32.32
C LYS E 91 4.24 -16.43 -32.34
N VAL E 92 4.97 -17.26 -33.10
CA VAL E 92 6.43 -17.16 -33.13
C VAL E 92 6.86 -15.83 -33.75
N GLU E 93 6.10 -15.34 -34.73
CA GLU E 93 6.45 -14.07 -35.34
C GLU E 93 6.09 -12.89 -34.45
N GLY E 94 4.98 -12.99 -33.70
CA GLY E 94 4.68 -11.98 -32.71
C GLY E 94 5.71 -11.93 -31.59
N PHE E 95 6.28 -13.10 -31.24
CA PHE E 95 7.40 -13.14 -30.30
C PHE E 95 8.61 -12.33 -30.77
N ASN E 96 8.63 -11.86 -32.01
CA ASN E 96 9.71 -11.02 -32.49
C ASN E 96 9.25 -9.63 -32.93
N ALA E 97 7.95 -9.37 -32.95
CA ALA E 97 7.43 -8.11 -33.48
C ALA E 97 7.56 -6.97 -32.49
N GLY E 98 7.65 -7.25 -31.20
CA GLY E 98 7.75 -6.22 -30.20
C GLY E 98 6.41 -5.73 -29.71
N ALA E 99 5.37 -6.55 -29.82
CA ALA E 99 4.06 -6.20 -29.28
C ALA E 99 4.10 -6.18 -27.76
N ASP E 100 3.31 -5.29 -27.18
CA ASP E 100 3.24 -5.16 -25.73
C ASP E 100 2.19 -6.07 -25.11
N ASP E 101 1.09 -6.33 -25.81
CA ASP E 101 0.06 -7.24 -25.30
C ASP E 101 -0.70 -7.81 -26.48
N TYR E 102 -1.51 -8.83 -26.19
CA TYR E 102 -2.35 -9.47 -27.20
C TYR E 102 -3.79 -9.50 -26.71
N LEU E 103 -4.72 -9.37 -27.64
CA LEU E 103 -6.15 -9.52 -27.35
C LEU E 103 -6.77 -10.43 -28.40
N THR E 104 -7.37 -11.52 -27.94
CA THR E 104 -7.95 -12.50 -28.85
C THR E 104 -9.33 -12.08 -29.31
N LYS E 105 -9.56 -12.13 -30.62
CA LYS E 105 -10.88 -11.94 -31.22
C LYS E 105 -11.67 -13.24 -31.22
N PRO E 106 -12.96 -13.21 -30.88
CA PRO E 106 -13.73 -12.07 -30.36
C PRO E 106 -13.34 -11.73 -28.93
N PHE E 107 -13.32 -10.45 -28.58
CA PHE E 107 -12.95 -10.00 -27.25
C PHE E 107 -14.13 -9.30 -26.58
N GLU E 108 -14.13 -9.32 -25.25
CA GLU E 108 -15.07 -8.50 -24.50
C GLU E 108 -14.58 -7.07 -24.44
N VAL E 109 -15.52 -6.13 -24.59
CA VAL E 109 -15.17 -4.72 -24.58
C VAL E 109 -14.53 -4.33 -23.25
N GLU E 110 -15.02 -4.90 -22.15
CA GLU E 110 -14.47 -4.57 -20.83
C GLU E 110 -13.02 -5.01 -20.71
N GLU E 111 -12.67 -6.19 -21.23
CA GLU E 111 -11.27 -6.62 -21.21
C GLU E 111 -10.39 -5.68 -22.01
N MET E 112 -10.82 -5.34 -23.23
CA MET E 112 -10.10 -4.37 -24.05
C MET E 112 -9.86 -3.06 -23.29
N LEU E 113 -10.92 -2.53 -22.67
CA LEU E 113 -10.79 -1.27 -21.95
C LEU E 113 -9.89 -1.41 -20.73
N ALA E 114 -9.89 -2.58 -20.08
CA ALA E 114 -8.97 -2.81 -18.97
C ALA E 114 -7.53 -2.78 -19.44
N ARG E 115 -7.24 -3.45 -20.56
CA ARG E 115 -5.88 -3.42 -21.10
C ARG E 115 -5.47 -2.01 -21.48
N VAL E 116 -6.37 -1.26 -22.13
CA VAL E 116 -6.11 0.13 -22.45
C VAL E 116 -5.80 0.95 -21.20
N ARG E 117 -6.61 0.77 -20.16
CA ARG E 117 -6.38 1.49 -18.91
C ARG E 117 -5.03 1.14 -18.30
N ALA E 118 -4.66 -0.13 -18.32
CA ALA E 118 -3.38 -0.53 -17.74
C ALA E 118 -2.22 0.07 -18.53
N LEU E 119 -2.32 0.06 -19.86
CA LEU E 119 -1.28 0.66 -20.68
C LEU E 119 -1.16 2.16 -20.41
N LEU E 120 -2.29 2.84 -20.28
CA LEU E 120 -2.24 4.27 -20.01
C LEU E 120 -1.70 4.55 -18.62
N GLN E 121 -2.03 3.69 -17.65
CA GLN E 121 -1.47 3.84 -16.31
C GLN E 121 0.02 3.56 -16.32
N ARG E 122 0.51 2.88 -17.35
CA ARG E 122 1.93 2.56 -17.43
C ARG E 122 2.69 3.70 -18.09
N THR E 123 2.10 4.31 -19.12
CA THR E 123 2.73 5.46 -19.77
C THR E 123 2.88 6.64 -18.82
N ASP E 124 1.99 6.76 -17.84
CA ASP E 124 2.03 7.87 -16.90
C ASP E 124 2.83 7.52 -15.65
N GLU E 134 -11.70 3.06 -5.19
CA GLU E 134 -11.92 2.92 -3.76
C GLU E 134 -12.62 1.61 -3.43
N ILE E 135 -12.24 0.99 -2.32
CA ILE E 135 -12.91 -0.21 -1.84
C ILE E 135 -14.29 0.18 -1.34
N LEU E 136 -15.34 -0.16 -2.09
CA LEU E 136 -16.70 0.06 -1.61
C LEU E 136 -17.36 -1.20 -1.06
N SER E 137 -16.76 -2.37 -1.28
CA SER E 137 -17.31 -3.62 -0.78
C SER E 137 -16.19 -4.56 -0.39
N TYR E 138 -16.27 -5.13 0.81
CA TYR E 138 -15.36 -6.19 1.21
C TYR E 138 -16.05 -7.06 2.24
N GLY E 139 -16.14 -8.36 1.97
CA GLY E 139 -16.77 -9.31 2.88
C GLY E 139 -18.19 -8.92 3.24
N PRO E 140 -18.36 -8.34 4.43
CA PRO E 140 -19.71 -8.18 4.98
C PRO E 140 -20.12 -6.72 4.97
N LEU E 141 -19.20 -5.87 4.53
CA LEU E 141 -19.38 -4.42 4.54
C LEU E 141 -19.49 -3.94 3.10
N THR E 142 -20.56 -3.20 2.81
CA THR E 142 -20.70 -2.49 1.55
C THR E 142 -21.03 -1.03 1.84
N LEU E 143 -20.27 -0.12 1.25
CA LEU E 143 -20.55 1.30 1.41
C LEU E 143 -21.47 1.81 0.31
N ILE E 144 -22.46 2.62 0.71
CA ILE E 144 -23.39 3.27 -0.21
C ILE E 144 -23.15 4.77 -0.07
N PRO E 145 -22.26 5.33 -0.90
CA PRO E 145 -21.93 6.76 -0.78
C PRO E 145 -23.12 7.68 -0.99
N GLU E 146 -23.98 7.36 -1.96
CA GLU E 146 -25.05 8.29 -2.33
C GLU E 146 -26.04 8.51 -1.20
N ARG E 147 -26.05 7.63 -0.22
CA ARG E 147 -27.01 7.68 0.88
C ARG E 147 -26.30 7.71 2.22
N PHE E 148 -24.97 7.75 2.23
CA PHE E 148 -24.16 7.63 3.45
C PHE E 148 -24.61 6.44 4.31
N GLU E 149 -24.71 5.28 3.68
CA GLU E 149 -25.19 4.10 4.39
C GLU E 149 -24.19 2.95 4.28
N ALA E 150 -24.23 2.04 5.25
CA ALA E 150 -23.47 0.80 5.15
C ALA E 150 -24.39 -0.40 5.19
N ILE E 151 -24.18 -1.33 4.27
CA ILE E 151 -24.67 -2.69 4.43
C ILE E 151 -23.68 -3.42 5.33
N TRP E 152 -24.14 -3.86 6.50
CA TRP E 152 -23.34 -4.58 7.48
C TRP E 152 -23.97 -5.95 7.64
N PHE E 153 -23.27 -6.98 7.15
CA PHE E 153 -23.89 -8.28 6.91
C PHE E 153 -25.15 -8.10 6.08
N ASN E 154 -26.31 -8.33 6.69
CA ASN E 154 -27.59 -8.18 6.01
C ASN E 154 -28.44 -7.04 6.56
N ARG E 155 -27.89 -6.16 7.38
CA ARG E 155 -28.65 -5.03 7.92
C ARG E 155 -28.13 -3.72 7.34
N THR E 156 -29.06 -2.81 7.04
CA THR E 156 -28.70 -1.46 6.65
C THR E 156 -28.49 -0.58 7.88
N VAL E 157 -27.34 0.10 7.93
CA VAL E 157 -26.99 0.99 9.03
C VAL E 157 -26.77 2.39 8.46
N LYS E 158 -27.55 3.35 8.94
CA LYS E 158 -27.36 4.75 8.61
C LYS E 158 -26.17 5.33 9.38
N LEU E 159 -25.29 6.03 8.67
CA LEU E 159 -24.12 6.66 9.25
C LEU E 159 -24.23 8.17 9.12
N THR E 160 -23.64 8.88 10.08
CA THR E 160 -23.37 10.30 9.90
C THR E 160 -22.26 10.49 8.87
N HIS E 161 -22.14 11.73 8.38
CA HIS E 161 -21.09 12.06 7.42
C HIS E 161 -19.71 11.71 7.95
N LEU E 162 -19.40 12.12 9.20
CA LEU E 162 -18.07 11.82 9.74
C LEU E 162 -17.92 10.35 10.08
N GLU E 163 -18.98 9.71 10.61
CA GLU E 163 -18.90 8.27 10.85
C GLU E 163 -18.68 7.51 9.56
N PHE E 164 -19.39 7.91 8.50
CA PHE E 164 -19.21 7.27 7.20
C PHE E 164 -17.79 7.46 6.68
N GLU E 165 -17.30 8.71 6.71
CA GLU E 165 -15.95 8.98 6.21
C GLU E 165 -14.89 8.25 7.01
N LEU E 166 -15.08 8.14 8.33
CA LEU E 166 -14.15 7.39 9.17
C LEU E 166 -14.16 5.91 8.80
N LEU E 167 -15.36 5.33 8.66
CA LEU E 167 -15.44 3.92 8.29
C LEU E 167 -14.84 3.68 6.91
N HIS E 168 -15.03 4.62 5.98
CA HIS E 168 -14.42 4.54 4.67
C HIS E 168 -12.90 4.59 4.75
N CYS E 169 -12.37 5.54 5.52
CA CYS E 169 -10.92 5.63 5.74
C CYS E 169 -10.36 4.33 6.30
N LEU E 170 -11.08 3.70 7.23
CA LEU E 170 -10.61 2.43 7.78
C LEU E 170 -10.72 1.31 6.76
N LEU E 171 -11.78 1.31 5.95
CA LEU E 171 -11.96 0.28 4.93
C LEU E 171 -10.88 0.37 3.87
N GLN E 172 -10.51 1.59 3.47
CA GLN E 172 -9.42 1.77 2.52
C GLN E 172 -8.14 1.13 3.01
N ARG E 173 -7.96 1.01 4.32
CA ARG E 173 -6.76 0.42 4.92
C ARG E 173 -7.15 -0.80 5.74
N HIS E 174 -8.18 -1.52 5.29
CA HIS E 174 -8.62 -2.75 5.93
C HIS E 174 -7.47 -3.67 6.26
N GLY E 175 -7.47 -4.18 7.49
CA GLY E 175 -6.42 -5.04 7.98
C GLY E 175 -5.13 -4.34 8.39
N GLN E 176 -5.04 -3.02 8.19
CA GLN E 176 -3.90 -2.24 8.65
C GLN E 176 -4.33 -1.29 9.76
N THR E 177 -3.40 -0.98 10.64
CA THR E 177 -3.63 0.01 11.68
C THR E 177 -3.46 1.40 11.11
N VAL E 178 -4.47 2.25 11.27
CA VAL E 178 -4.43 3.63 10.83
C VAL E 178 -4.14 4.52 12.03
N ALA E 179 -3.13 5.38 11.89
CA ALA E 179 -2.74 6.24 12.99
C ALA E 179 -3.76 7.37 13.17
N PRO E 180 -3.95 7.85 14.41
CA PRO E 180 -4.87 8.98 14.61
C PRO E 180 -4.53 10.20 13.78
N SER E 181 -3.25 10.50 13.61
CA SER E 181 -2.86 11.64 12.78
C SER E 181 -3.31 11.46 11.33
N GLU E 182 -3.23 10.22 10.83
CA GLU E 182 -3.69 9.96 9.46
C GLU E 182 -5.20 10.13 9.36
N ILE E 183 -5.94 9.67 10.37
CA ILE E 183 -7.39 9.87 10.37
C ILE E 183 -7.71 11.36 10.37
N LEU E 184 -7.04 12.13 11.23
CA LEU E 184 -7.24 13.58 11.28
C LEU E 184 -6.98 14.20 9.91
N LYS E 185 -5.88 13.81 9.26
CA LYS E 185 -5.54 14.40 7.97
C LYS E 185 -6.55 14.04 6.90
N GLU E 186 -6.97 12.78 6.84
CA GLU E 186 -7.84 12.34 5.76
C GLU E 186 -9.29 12.80 5.95
N VAL E 187 -9.84 12.62 7.15
CA VAL E 187 -11.25 12.92 7.37
C VAL E 187 -11.48 14.40 7.66
N TRP E 188 -10.70 14.97 8.58
CA TRP E 188 -10.91 16.36 8.98
C TRP E 188 -9.99 17.35 8.29
N GLY E 189 -8.92 16.90 7.65
CA GLY E 189 -7.98 17.83 7.05
C GLY E 189 -7.24 18.71 8.04
N TYR E 190 -7.25 18.33 9.31
CA TYR E 190 -6.63 19.14 10.36
C TYR E 190 -5.13 18.85 10.44
N ASP E 191 -4.44 19.70 11.19
CA ASP E 191 -3.03 19.48 11.44
C ASP E 191 -2.84 18.20 12.26
N PRO E 192 -1.82 17.39 11.95
CA PRO E 192 -1.48 16.22 12.78
C PRO E 192 -1.48 16.46 14.29
N ASP E 193 -1.21 17.69 14.72
CA ASP E 193 -1.09 17.99 16.13
C ASP E 193 -2.39 18.41 16.79
N ASP E 194 -3.50 18.45 16.04
CA ASP E 194 -4.77 18.81 16.66
C ASP E 194 -5.27 17.68 17.57
N ASP E 195 -6.26 18.01 18.39
CA ASP E 195 -6.77 17.08 19.39
C ASP E 195 -7.37 15.83 18.73
N ILE E 196 -6.77 14.67 19.01
CA ILE E 196 -7.27 13.41 18.48
C ILE E 196 -8.44 12.85 19.27
N GLU E 197 -8.79 13.44 20.41
CA GLU E 197 -9.83 12.88 21.27
C GLU E 197 -11.17 12.76 20.55
N THR E 198 -11.46 13.68 19.63
CA THR E 198 -12.70 13.61 18.86
C THR E 198 -12.81 12.27 18.12
N ILE E 199 -11.70 11.82 17.54
CA ILE E 199 -11.71 10.55 16.83
C ILE E 199 -12.13 9.43 17.77
N ARG E 200 -11.61 9.46 19.00
CA ARG E 200 -11.93 8.41 19.96
C ARG E 200 -13.43 8.29 20.15
N VAL E 201 -14.14 9.43 20.12
CA VAL E 201 -15.59 9.39 20.24
C VAL E 201 -16.22 8.68 19.05
N HIS E 202 -15.87 9.10 17.83
CA HIS E 202 -16.57 8.59 16.66
C HIS E 202 -16.31 7.10 16.40
N ILE E 203 -15.10 6.62 16.72
CA ILE E 203 -14.85 5.18 16.63
C ILE E 203 -15.86 4.43 17.50
N ARG E 204 -16.17 4.98 18.67
CA ARG E 204 -17.10 4.33 19.56
C ARG E 204 -18.48 4.23 18.92
N HIS E 205 -18.90 5.29 18.24
CA HIS E 205 -20.18 5.22 17.53
C HIS E 205 -20.16 4.11 16.50
N LEU E 206 -19.09 4.01 15.72
CA LEU E 206 -19.00 2.92 14.76
C LEU E 206 -19.16 1.57 15.46
N ARG E 207 -18.47 1.40 16.60
CA ARG E 207 -18.62 0.14 17.33
C ARG E 207 -20.06 -0.04 17.80
N THR E 208 -20.68 1.04 18.29
CA THR E 208 -22.06 0.94 18.74
C THR E 208 -22.96 0.52 17.59
N LYS E 209 -22.64 0.95 16.38
CA LYS E 209 -23.47 0.57 15.25
C LYS E 209 -23.08 -0.80 14.70
N LEU E 210 -21.82 -1.18 14.82
CA LEU E 210 -21.35 -2.35 14.08
C LEU E 210 -21.00 -3.56 14.93
N GLU E 211 -20.51 -3.37 16.15
CA GLU E 211 -20.13 -4.55 16.90
C GLU E 211 -21.35 -5.20 17.57
N PRO E 212 -21.35 -6.53 17.67
CA PRO E 212 -22.36 -7.20 18.52
C PRO E 212 -22.28 -6.78 19.98
N ASP E 213 -21.07 -6.64 20.52
CA ASP E 213 -20.86 -6.11 21.87
C ASP E 213 -19.86 -4.97 21.79
N PRO E 214 -20.30 -3.72 21.95
CA PRO E 214 -19.36 -2.59 21.88
C PRO E 214 -18.26 -2.63 22.93
N ARG E 215 -18.45 -3.35 24.04
CA ARG E 215 -17.42 -3.42 25.06
C ARG E 215 -16.30 -4.40 24.70
N HIS E 216 -16.57 -5.37 23.84
CA HIS E 216 -15.57 -6.32 23.37
C HIS E 216 -15.51 -6.29 21.85
N PRO E 217 -15.03 -5.20 21.26
CA PRO E 217 -15.11 -5.04 19.80
C PRO E 217 -14.26 -6.08 19.10
N ARG E 218 -14.87 -6.77 18.14
CA ARG E 218 -14.20 -7.83 17.39
C ARG E 218 -13.56 -7.32 16.10
N TYR E 219 -14.21 -6.39 15.40
CA TYR E 219 -13.80 -5.97 14.07
C TYR E 219 -13.04 -4.66 14.07
N ILE E 220 -13.52 -3.66 14.80
CA ILE E 220 -12.85 -2.37 14.90
C ILE E 220 -11.99 -2.43 16.16
N LYS E 221 -10.76 -2.89 15.99
CA LYS E 221 -9.85 -3.10 17.11
C LYS E 221 -9.07 -1.82 17.40
N THR E 222 -8.75 -1.63 18.68
CA THR E 222 -7.82 -0.60 19.12
C THR E 222 -6.44 -1.22 19.32
N VAL E 223 -5.45 -0.70 18.62
CA VAL E 223 -4.05 -1.08 18.81
C VAL E 223 -3.40 -0.01 19.66
N TYR E 224 -3.26 -0.29 20.96
CA TYR E 224 -2.78 0.70 21.91
C TYR E 224 -1.45 1.30 21.47
N GLY E 225 -1.39 2.61 21.40
CA GLY E 225 -0.22 3.32 20.95
C GLY E 225 -0.05 3.42 19.46
N ALA E 226 -0.92 2.79 18.68
CA ALA E 226 -0.80 2.81 17.22
C ALA E 226 -2.03 3.34 16.53
N GLY E 227 -3.22 3.03 17.02
CA GLY E 227 -4.43 3.56 16.42
C GLY E 227 -5.57 2.57 16.36
N TYR E 228 -6.24 2.49 15.21
CA TYR E 228 -7.40 1.65 15.02
C TYR E 228 -7.21 0.79 13.78
N CYS E 229 -7.79 -0.40 13.81
CA CYS E 229 -7.70 -1.33 12.69
C CYS E 229 -9.07 -1.92 12.42
N LEU E 230 -9.46 -1.95 11.15
CA LEU E 230 -10.67 -2.64 10.71
C LEU E 230 -10.28 -4.02 10.19
N GLU E 231 -10.66 -5.06 10.92
CA GLU E 231 -10.42 -6.44 10.53
C GLU E 231 -11.75 -7.08 10.16
N LEU E 232 -11.91 -7.44 8.88
CA LEU E 232 -13.14 -8.03 8.40
C LEU E 232 -12.91 -9.49 8.01
N PRO E 233 -13.84 -10.38 8.31
CA PRO E 233 -13.72 -11.75 7.83
C PRO E 233 -13.83 -11.83 6.31
N ALA E 234 -13.07 -12.76 5.74
CA ALA E 234 -13.20 -13.05 4.31
C ALA E 234 -14.58 -13.62 4.00
N GLU E 235 -15.01 -13.42 2.75
CA GLU E 235 -16.33 -13.88 2.32
C GLU E 235 -16.54 -15.37 2.60
N THR E 236 -15.46 -16.15 2.58
CA THR E 236 -15.56 -17.58 2.84
C THR E 236 -16.02 -17.90 4.26
N GLU E 237 -15.94 -16.94 5.17
CA GLU E 237 -16.25 -17.18 6.58
C GLU E 237 -17.58 -16.57 7.00
N LEU E 238 -18.32 -15.94 6.09
CA LEU E 238 -19.52 -15.22 6.47
C LEU E 238 -20.55 -16.13 7.14
N HIS E 239 -20.62 -17.39 6.71
CA HIS E 239 -21.61 -18.32 7.22
C HIS E 239 -21.39 -18.65 8.70
N GLN E 240 -20.21 -18.39 9.23
CA GLN E 240 -19.89 -18.67 10.63
C GLN E 240 -20.16 -17.47 11.53
N HIS E 241 -20.42 -16.30 10.97
CA HIS E 241 -20.53 -15.08 11.77
C HIS E 241 -21.98 -14.58 11.81
N VAL F 322 1.46 40.59 -10.90
CA VAL F 322 2.31 39.96 -9.87
C VAL F 322 1.46 39.41 -8.75
N ALA F 323 0.21 39.87 -8.66
CA ALA F 323 -0.76 39.31 -7.73
C ALA F 323 -1.50 38.13 -8.31
N LYS F 324 -1.15 37.68 -9.52
CA LYS F 324 -1.72 36.49 -10.14
C LYS F 324 -0.85 35.26 -9.91
N ASN F 325 0.44 35.35 -10.23
CA ASN F 325 1.36 34.25 -9.96
C ASN F 325 1.41 33.93 -8.47
N LEU F 326 1.45 34.96 -7.63
CA LEU F 326 1.52 34.74 -6.19
C LEU F 326 0.31 33.94 -5.70
N LEU F 327 -0.89 34.35 -6.12
CA LEU F 327 -2.11 33.70 -5.64
C LEU F 327 -2.10 32.20 -5.93
N ARG F 328 -1.96 31.83 -7.20
CA ARG F 328 -2.00 30.41 -7.59
C ARG F 328 -1.12 29.56 -6.69
N GLU F 329 0.09 30.04 -6.39
CA GLU F 329 1.01 29.26 -5.56
C GLU F 329 0.37 28.98 -4.21
N ASP F 330 -0.18 30.01 -3.57
CA ASP F 330 -0.82 29.82 -2.27
C ASP F 330 -1.97 28.83 -2.39
N LEU F 331 -2.79 28.98 -3.43
CA LEU F 331 -3.92 28.07 -3.62
C LEU F 331 -3.41 26.64 -3.82
N GLU F 332 -2.42 26.46 -4.69
CA GLU F 332 -1.88 25.13 -4.94
C GLU F 332 -1.39 24.47 -3.66
N GLY F 333 -0.76 25.26 -2.78
CA GLY F 333 -0.28 24.71 -1.52
C GLY F 333 -1.40 24.12 -0.68
N VAL F 334 -2.48 24.89 -0.48
CA VAL F 334 -3.57 24.39 0.34
C VAL F 334 -4.24 23.22 -0.35
N LEU F 335 -4.21 23.19 -1.69
CA LEU F 335 -4.77 22.06 -2.43
C LEU F 335 -3.95 20.80 -2.20
N SER F 336 -2.63 20.95 -2.06
CA SER F 336 -1.76 19.80 -1.85
C SER F 336 -2.15 19.04 -0.57
N THR F 337 -2.59 19.78 0.46
CA THR F 337 -2.97 19.13 1.71
C THR F 337 -4.12 18.16 1.49
N LEU F 338 -5.00 18.46 0.53
CA LEU F 338 -6.16 17.62 0.27
C LEU F 338 -5.72 16.31 -0.39
N SER F 339 -6.59 15.31 -0.29
CA SER F 339 -6.30 14.03 -0.93
C SER F 339 -6.20 14.19 -2.43
N PRO F 340 -5.38 13.37 -3.10
CA PRO F 340 -5.19 13.52 -4.56
C PRO F 340 -6.50 13.60 -5.33
N ARG F 341 -7.40 12.65 -5.10
CA ARG F 341 -8.67 12.64 -5.82
C ARG F 341 -9.43 13.93 -5.54
N GLU F 342 -9.46 14.37 -4.29
CA GLU F 342 -10.20 15.58 -3.93
C GLU F 342 -9.67 16.78 -4.70
N ARG F 343 -8.34 16.98 -4.69
CA ARG F 343 -7.80 18.16 -5.35
C ARG F 343 -8.04 18.08 -6.86
N ASP F 344 -7.88 16.90 -7.46
CA ASP F 344 -8.17 16.75 -8.88
C ASP F 344 -9.62 17.15 -9.16
N VAL F 345 -10.54 16.66 -8.32
CA VAL F 345 -11.95 16.99 -8.48
C VAL F 345 -12.15 18.49 -8.46
N LEU F 346 -11.56 19.16 -7.46
CA LEU F 346 -11.73 20.61 -7.33
C LEU F 346 -11.18 21.31 -8.56
N ARG F 347 -9.97 20.94 -8.99
CA ARG F 347 -9.35 21.58 -10.14
C ARG F 347 -10.22 21.45 -11.37
N LEU F 348 -10.90 20.29 -11.52
CA LEU F 348 -11.70 20.09 -12.72
C LEU F 348 -13.05 20.80 -12.61
N ARG F 349 -13.59 20.93 -11.40
CA ARG F 349 -14.90 21.53 -11.21
C ARG F 349 -14.86 23.05 -11.30
N TYR F 350 -13.66 23.64 -11.27
CA TYR F 350 -13.48 25.07 -11.37
C TYR F 350 -12.66 25.48 -12.60
N GLY F 351 -12.16 24.52 -13.36
CA GLY F 351 -11.39 24.82 -14.56
C GLY F 351 -10.05 25.47 -14.28
N LEU F 352 -9.37 25.04 -13.22
CA LEU F 352 -8.11 25.67 -12.82
C LEU F 352 -7.01 25.43 -13.85
N ASP F 353 -7.11 24.35 -14.63
CA ASP F 353 -6.11 24.04 -15.65
C ASP F 353 -6.49 24.61 -17.01
N ASP F 354 -7.71 24.37 -17.45
CA ASP F 354 -8.13 24.70 -18.82
C ASP F 354 -8.97 25.96 -18.90
N GLY F 355 -9.24 26.62 -17.78
CA GLY F 355 -10.16 27.74 -17.73
C GLY F 355 -11.61 27.39 -17.93
N ARG F 356 -11.92 26.16 -18.30
CA ARG F 356 -13.30 25.73 -18.57
C ARG F 356 -13.80 24.93 -17.37
N MET F 357 -14.87 25.41 -16.74
CA MET F 357 -15.52 24.61 -15.72
C MET F 357 -16.21 23.42 -16.36
N LYS F 358 -15.94 22.23 -15.83
CA LYS F 358 -16.59 21.01 -16.27
C LYS F 358 -17.72 20.62 -15.33
N THR F 359 -18.75 19.98 -15.88
CA THR F 359 -19.82 19.45 -15.06
C THR F 359 -19.33 18.20 -14.33
N LEU F 360 -20.13 17.77 -13.36
CA LEU F 360 -20.32 16.38 -12.96
C LEU F 360 -20.18 15.31 -14.03
N GLU F 361 -21.02 15.35 -15.08
CA GLU F 361 -21.02 14.28 -16.09
C GLU F 361 -19.70 14.09 -16.83
N GLU F 362 -18.99 15.15 -17.23
CA GLU F 362 -17.68 14.88 -17.84
C GLU F 362 -16.73 14.17 -16.87
N ILE F 363 -16.66 14.62 -15.61
CA ILE F 363 -15.86 13.86 -14.64
C ILE F 363 -16.56 12.55 -14.31
N GLY F 364 -17.88 12.48 -14.43
CA GLY F 364 -18.56 11.22 -14.22
C GLY F 364 -18.11 10.15 -15.19
N GLN F 365 -17.81 10.54 -16.43
CA GLN F 365 -17.33 9.60 -17.44
C GLN F 365 -15.81 9.42 -17.36
N LEU F 366 -15.07 10.52 -17.28
CA LEU F 366 -13.61 10.43 -17.27
C LEU F 366 -13.10 9.71 -16.02
N PHE F 367 -13.63 10.07 -14.85
CA PHE F 367 -13.19 9.44 -13.62
C PHE F 367 -13.84 8.06 -13.47
N ASN F 368 -13.42 7.36 -12.42
CA ASN F 368 -13.89 5.99 -12.19
C ASN F 368 -15.39 5.94 -11.95
N VAL F 369 -15.85 6.53 -10.84
CA VAL F 369 -17.26 6.48 -10.50
C VAL F 369 -18.04 7.54 -11.29
N THR F 370 -19.35 7.36 -11.33
CA THR F 370 -20.25 8.15 -12.15
C THR F 370 -20.72 9.39 -11.40
N ARG F 371 -21.73 10.06 -11.95
CA ARG F 371 -22.32 11.25 -11.35
C ARG F 371 -22.91 10.94 -9.98
N GLU F 372 -23.14 12.01 -9.20
CA GLU F 372 -23.64 11.96 -7.82
C GLU F 372 -22.57 11.48 -6.85
N ARG F 373 -21.42 11.08 -7.39
CA ARG F 373 -20.24 10.75 -6.59
C ARG F 373 -19.26 11.90 -6.50
N ILE F 374 -19.07 12.63 -7.61
CA ILE F 374 -18.15 13.76 -7.60
C ILE F 374 -18.67 14.89 -6.70
N ARG F 375 -20.00 15.03 -6.59
CA ARG F 375 -20.55 16.06 -5.70
C ARG F 375 -20.16 15.80 -4.25
N GLN F 376 -20.19 14.54 -3.82
CA GLN F 376 -19.79 14.20 -2.46
C GLN F 376 -18.32 14.50 -2.24
N ILE F 377 -17.48 14.18 -3.21
CA ILE F 377 -16.05 14.46 -3.08
C ILE F 377 -15.82 15.97 -3.00
N GLU F 378 -16.53 16.73 -3.83
CA GLU F 378 -16.40 18.18 -3.81
C GLU F 378 -16.77 18.76 -2.46
N ALA F 379 -17.89 18.30 -1.90
CA ALA F 379 -18.30 18.80 -0.59
C ALA F 379 -17.33 18.38 0.50
N LYS F 380 -16.86 17.13 0.47
CA LYS F 380 -15.93 16.65 1.48
C LYS F 380 -14.56 17.32 1.35
N ALA F 381 -14.24 17.87 0.18
CA ALA F 381 -13.01 18.64 0.04
C ALA F 381 -13.22 20.07 0.55
N LEU F 382 -14.34 20.69 0.16
CA LEU F 382 -14.57 22.07 0.56
C LEU F 382 -14.67 22.17 2.07
N ARG F 383 -15.37 21.22 2.71
CA ARG F 383 -15.49 21.24 4.17
C ARG F 383 -14.11 21.20 4.82
N LYS F 384 -13.16 20.48 4.21
CA LYS F 384 -11.79 20.50 4.70
C LYS F 384 -11.16 21.86 4.51
N LEU F 385 -11.37 22.48 3.35
CA LEU F 385 -10.78 23.79 3.11
C LEU F 385 -11.44 24.87 3.98
N ARG F 386 -12.76 24.76 4.21
CA ARG F 386 -13.47 25.79 4.96
C ARG F 386 -12.99 25.89 6.41
N HIS F 387 -12.26 24.90 6.91
CA HIS F 387 -11.79 24.96 8.28
C HIS F 387 -10.77 26.10 8.43
N PRO F 388 -10.67 26.68 9.64
CA PRO F 388 -9.67 27.73 9.85
C PRO F 388 -8.23 27.26 9.70
N ASN F 389 -7.98 25.96 9.76
CA ASN F 389 -6.64 25.45 9.52
C ASN F 389 -6.45 25.11 8.05
N ARG F 390 -5.18 25.20 7.61
CA ARG F 390 -4.74 24.83 6.27
C ARG F 390 -5.21 25.82 5.20
N ASN F 391 -6.07 26.76 5.57
CA ASN F 391 -6.47 27.82 4.65
C ASN F 391 -6.91 29.04 5.47
N SER F 392 -6.01 30.00 5.65
CA SER F 392 -6.38 31.27 6.25
C SER F 392 -5.76 32.48 5.56
N ILE F 393 -4.74 32.31 4.72
CA ILE F 393 -4.16 33.43 3.99
C ILE F 393 -5.18 33.99 3.00
N LEU F 394 -5.89 33.11 2.29
CA LEU F 394 -6.75 33.55 1.20
C LEU F 394 -7.88 34.44 1.70
N LYS F 395 -8.13 34.45 3.01
CA LYS F 395 -9.21 35.27 3.54
C LYS F 395 -8.95 36.73 3.23
N GLU F 396 -7.68 37.13 3.17
CA GLU F 396 -7.36 38.52 2.87
C GLU F 396 -7.51 38.84 1.39
N TYR F 397 -7.45 37.82 0.52
CA TYR F 397 -7.57 38.06 -0.91
C TYR F 397 -8.94 38.61 -1.30
N ILE F 398 -9.96 38.36 -0.49
CA ILE F 398 -11.31 38.85 -0.76
C ILE F 398 -11.35 40.36 -0.58
#